data_3E5W
#
_entry.id   3E5W
#
_cell.length_a   71.250
_cell.length_b   104.460
_cell.length_c   133.320
_cell.angle_alpha   90.000
_cell.angle_beta   90.000
_cell.angle_gamma   90.000
#
_symmetry.space_group_name_H-M   'P 21 21 21'
#
loop_
_entity.id
_entity.type
_entity.pdbx_description
1 polymer 'Red fluorescent protein eqFP611'
2 water water
#
_entity_poly.entity_id   1
_entity_poly.type   'polypeptide(L)'
_entity_poly.pdbx_seq_one_letter_code
;MRGSHHHHHHGIHMNSLIKENMRMMVVMEGSVNGYQFKCTGEGDGNPYMGTQTMRIKVVEGGPLPFAFDILATSF(NRQ)
SKTFIKHTKGIPDFFKQSFPEGFTWERVTRYEDGGVFTVMQDTSLEDGCLVYHAKVTGVNFPSNGAVMQKKTKGWEPSTE
MLYPADGGLRGYCQMALNVDGGGYLFCSFETTYRSKKTDENFKMPGFHFVDHRLERLEESDKEMFVVQHEHAVAKFCDLP
SKLGRL
;
_entity_poly.pdbx_strand_id   A,B,C,D
#
# COMPACT_ATOMS: atom_id res chain seq x y z
N SER A 16 -17.10 -21.00 33.93
CA SER A 16 -16.05 -20.29 33.21
C SER A 16 -16.20 -18.79 33.39
N LEU A 17 -15.14 -18.04 33.08
CA LEU A 17 -15.16 -16.59 33.22
C LEU A 17 -16.07 -15.96 32.16
N ILE A 18 -16.05 -16.52 30.96
CA ILE A 18 -16.90 -16.03 29.89
C ILE A 18 -18.19 -16.85 29.85
N LYS A 19 -19.28 -16.26 30.31
CA LYS A 19 -20.56 -16.96 30.40
C LYS A 19 -21.40 -16.93 29.13
N GLU A 20 -22.49 -17.70 29.13
CA GLU A 20 -23.39 -17.78 27.99
C GLU A 20 -23.94 -16.41 27.62
N ASN A 21 -24.10 -15.57 28.63
CA ASN A 21 -24.55 -14.20 28.42
C ASN A 21 -23.53 -13.28 29.06
N MET A 22 -23.11 -12.27 28.32
CA MET A 22 -22.13 -11.32 28.82
C MET A 22 -22.51 -9.90 28.43
N ARG A 23 -22.08 -8.95 29.24
CA ARG A 23 -22.29 -7.55 28.95
C ARG A 23 -20.94 -6.87 28.79
N MET A 24 -20.94 -5.73 28.14
CA MET A 24 -19.71 -4.99 27.89
C MET A 24 -19.96 -3.50 28.00
N MET A 25 -18.90 -2.76 28.31
CA MET A 25 -18.95 -1.31 28.38
C MET A 25 -17.76 -0.83 27.56
N VAL A 26 -17.96 0.24 26.79
CA VAL A 26 -16.88 0.75 25.95
C VAL A 26 -16.73 2.26 26.02
N VAL A 27 -15.49 2.70 25.88
CA VAL A 27 -15.16 4.12 25.79
C VAL A 27 -14.24 4.22 24.59
N MET A 28 -14.58 5.09 23.66
CA MET A 28 -13.74 5.30 22.49
C MET A 28 -13.43 6.79 22.42
N GLU A 29 -12.15 7.12 22.29
CA GLU A 29 -11.76 8.51 22.18
C GLU A 29 -10.67 8.63 21.13
N GLY A 30 -10.67 9.76 20.43
CA GLY A 30 -9.68 10.00 19.41
C GLY A 30 -10.08 11.12 18.49
N SER A 31 -9.57 11.09 17.28
CA SER A 31 -9.83 12.14 16.30
C SER A 31 -9.88 11.58 14.88
N VAL A 32 -10.54 12.33 14.00
CA VAL A 32 -10.62 12.01 12.58
C VAL A 32 -10.35 13.32 11.86
N ASN A 33 -9.30 13.34 11.04
CA ASN A 33 -8.92 14.54 10.30
C ASN A 33 -8.76 15.76 11.23
N GLY A 34 -8.24 15.51 12.43
CA GLY A 34 -7.99 16.57 13.40
C GLY A 34 -9.16 16.90 14.31
N TYR A 35 -10.33 16.35 14.01
CA TYR A 35 -11.54 16.58 14.80
C TYR A 35 -11.66 15.60 15.97
N GLN A 36 -11.60 16.12 17.19
CA GLN A 36 -11.69 15.29 18.39
C GLN A 36 -13.12 14.92 18.76
N PHE A 37 -13.30 13.71 19.29
CA PHE A 37 -14.61 13.22 19.70
C PHE A 37 -14.46 12.12 20.74
N LYS A 38 -15.56 11.73 21.35
CA LYS A 38 -15.56 10.67 22.34
C LYS A 38 -16.91 9.96 22.30
N CYS A 39 -16.88 8.64 22.42
CA CYS A 39 -18.10 7.83 22.42
C CYS A 39 -18.07 6.90 23.63
N THR A 40 -19.25 6.55 24.11
CA THR A 40 -19.36 5.57 25.19
C THR A 40 -20.43 4.61 24.73
N GLY A 41 -20.37 3.38 25.23
CA GLY A 41 -21.37 2.41 24.85
C GLY A 41 -21.48 1.26 25.82
N GLU A 42 -22.60 0.56 25.74
CA GLU A 42 -22.84 -0.61 26.57
C GLU A 42 -23.59 -1.61 25.70
N GLY A 43 -23.28 -2.87 25.85
CA GLY A 43 -23.92 -3.89 25.04
C GLY A 43 -24.08 -5.20 25.78
N ASP A 44 -24.59 -6.18 25.04
CA ASP A 44 -24.83 -7.50 25.59
C ASP A 44 -24.73 -8.48 24.44
N GLY A 45 -24.36 -9.72 24.73
CA GLY A 45 -24.26 -10.72 23.69
C GLY A 45 -24.14 -12.11 24.23
N ASN A 46 -24.04 -13.06 23.31
CA ASN A 46 -23.89 -14.47 23.65
C ASN A 46 -22.59 -14.91 23.00
N PRO A 47 -21.48 -14.86 23.76
CA PRO A 47 -20.13 -15.15 23.27
C PRO A 47 -19.99 -16.44 22.50
N TYR A 48 -20.72 -17.48 22.92
CA TYR A 48 -20.64 -18.78 22.27
C TYR A 48 -21.51 -18.93 21.03
N MET A 49 -22.48 -18.02 20.88
CA MET A 49 -23.35 -18.01 19.71
C MET A 49 -22.75 -17.09 18.66
N GLY A 50 -21.79 -16.27 19.07
CA GLY A 50 -21.13 -15.32 18.18
C GLY A 50 -21.97 -14.10 17.84
N THR A 51 -22.89 -13.75 18.74
CA THR A 51 -23.78 -12.61 18.51
C THR A 51 -23.64 -11.56 19.61
N GLN A 52 -23.86 -10.30 19.23
CA GLN A 52 -23.74 -9.20 20.18
C GLN A 52 -24.38 -7.93 19.66
N THR A 53 -24.84 -7.10 20.59
CA THR A 53 -25.47 -5.83 20.26
C THR A 53 -24.84 -4.75 21.14
N MET A 54 -24.56 -3.59 20.56
CA MET A 54 -23.97 -2.49 21.31
C MET A 54 -24.76 -1.21 21.05
N ARG A 55 -25.08 -0.50 22.12
CA ARG A 55 -25.78 0.78 22.03
C ARG A 55 -24.76 1.87 22.33
N ILE A 56 -24.47 2.69 21.33
CA ILE A 56 -23.43 3.70 21.42
C ILE A 56 -23.94 5.14 21.40
N LYS A 57 -23.30 6.00 22.18
CA LYS A 57 -23.64 7.41 22.20
C LYS A 57 -22.38 8.24 21.96
N VAL A 58 -22.50 9.29 21.16
CA VAL A 58 -21.39 10.21 20.94
C VAL A 58 -21.52 11.23 22.05
N VAL A 59 -20.59 11.21 23.01
CA VAL A 59 -20.68 12.11 24.17
C VAL A 59 -19.92 13.43 24.06
N GLU A 60 -18.98 13.49 23.13
CA GLU A 60 -18.21 14.71 22.88
C GLU A 60 -17.97 14.81 21.39
N GLY A 61 -18.18 16.01 20.84
CA GLY A 61 -17.96 16.25 19.42
C GLY A 61 -19.13 15.98 18.49
N GLY A 62 -20.26 15.56 19.03
CA GLY A 62 -21.42 15.25 18.21
C GLY A 62 -22.25 16.48 17.88
N PRO A 63 -22.89 16.50 16.69
CA PRO A 63 -22.86 15.47 15.65
C PRO A 63 -21.52 15.43 14.94
N LEU A 64 -20.99 14.23 14.73
CA LEU A 64 -19.70 14.08 14.07
C LEU A 64 -19.78 14.51 12.61
N PRO A 65 -18.70 15.15 12.11
CA PRO A 65 -18.64 15.61 10.72
C PRO A 65 -18.20 14.51 9.75
N PHE A 66 -18.12 13.28 10.25
CA PHE A 66 -17.72 12.15 9.42
C PHE A 66 -18.66 10.97 9.66
N ALA A 67 -18.71 10.06 8.69
CA ALA A 67 -19.57 8.89 8.77
C ALA A 67 -19.24 7.98 9.96
N PHE A 68 -20.24 7.68 10.78
CA PHE A 68 -20.04 6.82 11.93
C PHE A 68 -19.52 5.45 11.49
N ASP A 69 -19.88 5.07 10.26
CA ASP A 69 -19.47 3.77 9.70
C ASP A 69 -17.98 3.48 9.89
N ILE A 70 -17.13 4.50 9.79
CA ILE A 70 -15.69 4.27 9.95
C ILE A 70 -15.27 3.84 11.35
N LEU A 71 -16.18 3.98 12.31
CA LEU A 71 -15.90 3.59 13.69
C LEU A 71 -16.42 2.20 14.03
N ALA A 72 -17.31 1.68 13.19
CA ALA A 72 -18.00 0.42 13.43
C ALA A 72 -17.16 -0.76 13.91
N THR A 73 -16.09 -1.07 13.18
CA THR A 73 -15.23 -2.20 13.52
C THR A 73 -14.36 -1.99 14.75
N SER A 74 -14.41 -0.80 15.33
CA SER A 74 -13.60 -0.53 16.50
C SER A 74 -14.38 -0.75 17.79
N PHE A 75 -15.69 -0.88 17.67
CA PHE A 75 -16.51 -1.16 18.83
C PHE A 75 -16.62 -2.66 18.85
N1 NRQ A 76 -16.54 -3.15 17.58
CE NRQ A 76 -21.83 -4.76 18.46
SD NRQ A 76 -20.72 -4.67 17.03
CG1 NRQ A 76 -19.07 -4.88 17.77
CB1 NRQ A 76 -18.02 -4.84 16.66
CA1 NRQ A 76 -16.67 -4.57 17.30
C1 NRQ A 76 -15.55 -5.09 16.42
N2 NRQ A 76 -15.74 -5.60 15.21
OH NRQ A 76 -16.98 -7.35 8.74
CD2 NRQ A 76 -14.32 -7.25 11.17
CE2 NRQ A 76 -14.99 -7.45 9.99
CZ NRQ A 76 -16.33 -7.15 9.91
CE1 NRQ A 76 -17.02 -6.63 11.03
CD1 NRQ A 76 -16.33 -6.41 12.23
CG2 NRQ A 76 -14.98 -6.75 12.29
CB2 NRQ A 76 -14.15 -6.56 13.49
CA2 NRQ A 76 -14.53 -6.06 14.73
C2 NRQ A 76 -13.59 -5.87 15.84
O2 NRQ A 76 -12.39 -6.12 15.82
N3 NRQ A 76 -14.26 -5.29 16.83
CA3 NRQ A 76 -13.62 -4.77 18.05
C3 NRQ A 76 -14.02 -5.52 19.29
O3 NRQ A 76 -13.48 -5.24 20.34
N SER A 77 -14.95 -6.48 19.23
CA SER A 77 -15.45 -7.20 20.39
C SER A 77 -15.22 -8.69 20.17
N LYS A 78 -13.95 -9.09 20.15
CA LYS A 78 -13.51 -10.44 19.81
C LYS A 78 -13.93 -11.62 20.69
N THR A 79 -14.41 -11.33 21.89
CA THR A 79 -14.84 -12.38 22.80
C THR A 79 -16.11 -13.04 22.28
N PHE A 80 -16.81 -12.34 21.39
CA PHE A 80 -18.06 -12.85 20.85
C PHE A 80 -17.92 -13.48 19.46
N ILE A 81 -17.17 -14.56 19.37
CA ILE A 81 -17.00 -15.28 18.12
C ILE A 81 -17.39 -16.73 18.39
N LYS A 82 -18.22 -17.29 17.51
CA LYS A 82 -18.65 -18.67 17.67
C LYS A 82 -17.54 -19.61 17.22
N HIS A 83 -17.27 -20.64 18.00
CA HIS A 83 -16.27 -21.63 17.66
C HIS A 83 -16.93 -23.00 17.67
N THR A 84 -16.62 -23.83 16.68
CA THR A 84 -17.18 -25.18 16.63
C THR A 84 -16.10 -26.20 16.93
N LYS A 85 -15.33 -26.58 15.89
CA LYS A 85 -14.27 -27.56 16.05
C LYS A 85 -12.97 -27.14 15.39
N GLY A 86 -11.85 -27.65 15.92
CA GLY A 86 -10.53 -27.46 15.36
C GLY A 86 -9.83 -26.12 15.55
N ILE A 87 -10.51 -25.14 16.11
CA ILE A 87 -9.91 -23.82 16.30
C ILE A 87 -9.97 -23.36 17.74
N PRO A 88 -8.84 -23.40 18.46
CA PRO A 88 -8.85 -22.90 19.84
C PRO A 88 -9.19 -21.41 19.85
N ASP A 89 -9.89 -20.98 20.91
CA ASP A 89 -10.34 -19.61 21.07
C ASP A 89 -9.28 -18.73 21.73
N PHE A 90 -8.54 -17.99 20.91
CA PHE A 90 -7.47 -17.11 21.38
C PHE A 90 -7.98 -16.12 22.41
N PHE A 91 -9.19 -15.61 22.18
CA PHE A 91 -9.78 -14.59 23.02
C PHE A 91 -10.36 -15.07 24.35
N LYS A 92 -11.25 -16.05 24.31
CA LYS A 92 -11.84 -16.56 25.54
C LYS A 92 -10.78 -17.16 26.48
N GLN A 93 -9.71 -17.69 25.90
CA GLN A 93 -8.63 -18.29 26.69
C GLN A 93 -7.78 -17.24 27.41
N SER A 94 -7.88 -16.00 26.95
CA SER A 94 -7.07 -14.91 27.47
C SER A 94 -7.50 -14.38 28.83
N PHE A 95 -8.70 -14.75 29.28
CA PHE A 95 -9.20 -14.26 30.56
C PHE A 95 -8.70 -15.09 31.73
N PRO A 96 -8.56 -14.47 32.92
CA PRO A 96 -8.96 -13.11 33.32
C PRO A 96 -8.11 -11.94 32.85
N GLU A 97 -6.89 -12.20 32.38
CA GLU A 97 -5.99 -11.12 31.97
C GLU A 97 -6.51 -10.23 30.84
N GLY A 98 -7.17 -10.85 29.87
CA GLY A 98 -7.69 -10.10 28.75
C GLY A 98 -6.70 -10.02 27.61
N PHE A 99 -6.92 -9.10 26.69
CA PHE A 99 -6.07 -8.97 25.52
C PHE A 99 -6.17 -7.58 24.93
N THR A 100 -5.30 -7.28 23.97
CA THR A 100 -5.34 -6.03 23.24
C THR A 100 -5.41 -6.33 21.76
N TRP A 101 -5.83 -5.34 20.99
CA TRP A 101 -5.81 -5.43 19.55
C TRP A 101 -5.39 -4.08 18.97
N GLU A 102 -4.57 -4.15 17.94
CA GLU A 102 -4.04 -2.94 17.30
C GLU A 102 -4.29 -3.15 15.81
N ARG A 103 -4.72 -2.10 15.13
CA ARG A 103 -5.09 -2.26 13.73
C ARG A 103 -4.90 -0.98 12.91
N VAL A 104 -4.70 -1.17 11.61
CA VAL A 104 -4.64 -0.06 10.68
C VAL A 104 -5.53 -0.40 9.49
N THR A 105 -6.51 0.45 9.23
CA THR A 105 -7.43 0.28 8.10
C THR A 105 -7.08 1.32 7.04
N ARG A 106 -6.86 0.87 5.81
CA ARG A 106 -6.53 1.79 4.72
C ARG A 106 -7.66 1.78 3.70
N TYR A 107 -8.27 2.94 3.48
CA TYR A 107 -9.34 3.10 2.51
C TYR A 107 -8.73 3.40 1.14
N GLU A 108 -9.39 2.92 0.09
CA GLU A 108 -8.89 3.09 -1.27
C GLU A 108 -8.71 4.55 -1.71
N ASP A 109 -9.33 5.47 -1.00
CA ASP A 109 -9.23 6.89 -1.35
C ASP A 109 -8.33 7.73 -0.47
N GLY A 110 -7.45 7.07 0.29
CA GLY A 110 -6.49 7.78 1.13
C GLY A 110 -6.72 7.78 2.63
N GLY A 111 -7.97 7.67 3.06
CA GLY A 111 -8.27 7.69 4.48
C GLY A 111 -7.62 6.53 5.19
N VAL A 112 -7.09 6.78 6.39
CA VAL A 112 -6.47 5.74 7.20
C VAL A 112 -7.00 5.84 8.62
N PHE A 113 -7.45 4.71 9.16
CA PHE A 113 -7.99 4.66 10.51
C PHE A 113 -7.17 3.66 11.33
N THR A 114 -6.49 4.18 12.33
CA THR A 114 -5.63 3.35 13.19
C THR A 114 -6.18 3.26 14.59
N VAL A 115 -6.12 2.07 15.18
CA VAL A 115 -6.69 1.85 16.50
C VAL A 115 -5.82 1.02 17.43
N MET A 116 -5.89 1.35 18.71
CA MET A 116 -5.24 0.59 19.76
C MET A 116 -6.36 0.34 20.78
N GLN A 117 -6.72 -0.92 20.98
CA GLN A 117 -7.82 -1.28 21.88
C GLN A 117 -7.38 -2.18 23.03
N ASP A 118 -7.93 -1.93 24.22
CA ASP A 118 -7.67 -2.75 25.37
C ASP A 118 -8.95 -3.44 25.80
N THR A 119 -8.88 -4.75 26.03
CA THR A 119 -10.02 -5.51 26.50
C THR A 119 -9.70 -6.13 27.85
N SER A 120 -10.53 -5.81 28.84
CA SER A 120 -10.36 -6.36 30.17
C SER A 120 -11.69 -6.89 30.67
N LEU A 121 -11.65 -7.56 31.81
CA LEU A 121 -12.86 -8.12 32.42
C LEU A 121 -12.88 -7.66 33.87
N GLU A 122 -13.89 -6.88 34.23
CA GLU A 122 -14.00 -6.34 35.59
C GLU A 122 -15.36 -6.67 36.18
N ASP A 123 -15.36 -7.37 37.31
CA ASP A 123 -16.60 -7.73 37.99
C ASP A 123 -17.59 -8.42 37.06
N GLY A 124 -17.09 -9.30 36.18
CA GLY A 124 -17.94 -10.04 35.26
C GLY A 124 -18.43 -9.28 34.03
N CYS A 125 -17.97 -8.05 33.86
CA CYS A 125 -18.37 -7.23 32.71
C CYS A 125 -17.15 -6.97 31.82
N LEU A 126 -17.32 -7.12 30.52
CA LEU A 126 -16.21 -6.84 29.60
C LEU A 126 -16.04 -5.33 29.47
N VAL A 127 -14.80 -4.86 29.53
CA VAL A 127 -14.52 -3.43 29.45
C VAL A 127 -13.58 -3.14 28.29
N TYR A 128 -14.03 -2.29 27.37
CA TYR A 128 -13.25 -1.92 26.19
C TYR A 128 -12.80 -0.46 26.23
N HIS A 129 -11.55 -0.21 25.87
CA HIS A 129 -11.04 1.15 25.75
C HIS A 129 -10.37 1.25 24.39
N ALA A 130 -10.97 2.00 23.48
CA ALA A 130 -10.43 2.15 22.13
C ALA A 130 -9.90 3.56 21.87
N LYS A 131 -8.64 3.63 21.46
CA LYS A 131 -8.00 4.91 21.16
C LYS A 131 -7.82 4.94 19.64
N VAL A 132 -8.55 5.83 18.98
CA VAL A 132 -8.57 5.88 17.53
C VAL A 132 -8.02 7.15 16.90
N THR A 133 -7.50 7.00 15.69
CA THR A 133 -6.98 8.13 14.93
C THR A 133 -7.23 7.94 13.45
N GLY A 134 -8.05 8.81 12.87
CA GLY A 134 -8.34 8.80 11.45
C GLY A 134 -7.61 9.95 10.80
N VAL A 135 -6.91 9.68 9.70
CA VAL A 135 -6.14 10.71 9.02
C VAL A 135 -6.31 10.67 7.51
N ASN A 136 -6.17 11.84 6.88
CA ASN A 136 -6.21 11.94 5.43
C ASN A 136 -7.49 11.53 4.71
N PHE A 137 -8.63 11.55 5.39
CA PHE A 137 -9.87 11.21 4.71
C PHE A 137 -10.21 12.35 3.74
N PRO A 138 -10.35 12.04 2.44
CA PRO A 138 -10.59 13.09 1.46
C PRO A 138 -11.82 13.95 1.77
N SER A 139 -11.66 15.26 1.64
CA SER A 139 -12.74 16.20 1.95
C SER A 139 -14.04 15.91 1.20
N ASN A 140 -13.94 15.51 -0.06
CA ASN A 140 -15.13 15.24 -0.86
C ASN A 140 -15.47 13.76 -0.97
N GLY A 141 -14.85 12.93 -0.12
CA GLY A 141 -15.11 11.50 -0.13
C GLY A 141 -16.39 11.16 0.60
N ALA A 142 -16.88 9.93 0.39
CA ALA A 142 -18.11 9.48 1.04
C ALA A 142 -18.07 9.59 2.56
N VAL A 143 -16.91 9.35 3.16
CA VAL A 143 -16.79 9.42 4.61
C VAL A 143 -17.04 10.83 5.17
N MET A 144 -16.29 11.81 4.66
CA MET A 144 -16.41 13.19 5.15
C MET A 144 -17.71 13.86 4.70
N GLN A 145 -18.31 13.34 3.63
CA GLN A 145 -19.57 13.88 3.11
C GLN A 145 -20.76 13.14 3.71
N LYS A 146 -20.46 12.14 4.56
CA LYS A 146 -21.51 11.35 5.20
C LYS A 146 -22.47 10.72 4.20
N LYS A 147 -21.89 10.09 3.18
CA LYS A 147 -22.68 9.42 2.15
C LYS A 147 -22.50 7.91 2.20
N THR A 148 -22.27 7.38 3.39
CA THR A 148 -22.09 5.93 3.56
C THR A 148 -23.38 5.29 4.05
N LYS A 149 -23.55 4.01 3.71
CA LYS A 149 -24.77 3.30 4.05
C LYS A 149 -24.55 1.88 4.56
N GLY A 150 -23.60 1.71 5.48
CA GLY A 150 -23.35 0.42 6.09
C GLY A 150 -22.41 -0.52 5.36
N TRP A 151 -21.84 -1.44 6.12
CA TRP A 151 -20.87 -2.40 5.62
C TRP A 151 -21.50 -3.70 5.11
N GLU A 152 -20.81 -4.34 4.17
CA GLU A 152 -21.20 -5.65 3.71
C GLU A 152 -20.52 -6.60 4.68
N PRO A 153 -20.94 -7.87 4.69
CA PRO A 153 -20.25 -8.84 5.56
C PRO A 153 -18.85 -9.04 5.00
N SER A 154 -17.98 -9.70 5.76
CA SER A 154 -16.62 -9.94 5.31
C SER A 154 -16.03 -11.19 5.92
N THR A 155 -14.87 -11.59 5.40
CA THR A 155 -14.18 -12.75 5.90
C THR A 155 -12.77 -12.35 6.32
N GLU A 156 -12.46 -12.56 7.59
CA GLU A 156 -11.14 -12.23 8.12
C GLU A 156 -10.28 -13.48 8.04
N MET A 157 -9.01 -13.30 7.70
CA MET A 157 -8.06 -14.41 7.57
C MET A 157 -7.03 -14.26 8.69
N LEU A 158 -6.85 -15.30 9.49
CA LEU A 158 -5.96 -15.22 10.64
C LEU A 158 -4.93 -16.34 10.74
N TYR A 159 -3.81 -16.00 11.37
CA TYR A 159 -2.75 -16.97 11.64
C TYR A 159 -1.77 -16.39 12.65
N PRO A 160 -1.09 -17.27 13.40
CA PRO A 160 -0.19 -16.76 14.45
C PRO A 160 0.97 -15.96 13.89
N ALA A 161 1.32 -14.88 14.57
CA ALA A 161 2.44 -14.03 14.16
C ALA A 161 2.81 -13.01 15.24
N ASP A 162 4.07 -12.62 15.25
CA ASP A 162 4.56 -11.58 16.15
C ASP A 162 4.22 -11.78 17.62
N GLY A 163 4.21 -13.03 18.08
CA GLY A 163 3.92 -13.33 19.46
C GLY A 163 2.44 -13.24 19.81
N GLY A 164 1.60 -13.13 18.79
CA GLY A 164 0.16 -13.06 18.97
C GLY A 164 -0.56 -13.69 17.80
N LEU A 165 -1.72 -13.13 17.47
CA LEU A 165 -2.51 -13.62 16.36
C LEU A 165 -2.70 -12.47 15.36
N ARG A 166 -2.38 -12.74 14.09
CA ARG A 166 -2.53 -11.73 13.06
C ARG A 166 -3.81 -11.94 12.28
N GLY A 167 -4.49 -10.84 11.95
CA GLY A 167 -5.72 -10.90 11.18
C GLY A 167 -5.68 -9.93 10.02
N TYR A 168 -6.25 -10.35 8.89
CA TYR A 168 -6.31 -9.53 7.70
C TYR A 168 -7.75 -9.52 7.25
N CYS A 169 -8.26 -8.35 6.90
CA CYS A 169 -9.63 -8.26 6.41
C CYS A 169 -9.75 -7.27 5.26
N GLN A 170 -10.76 -7.51 4.43
CA GLN A 170 -11.06 -6.64 3.29
C GLN A 170 -12.55 -6.37 3.41
N MET A 171 -12.94 -5.10 3.39
CA MET A 171 -14.34 -4.74 3.57
C MET A 171 -14.85 -3.76 2.52
N ALA A 172 -16.15 -3.81 2.26
CA ALA A 172 -16.79 -2.95 1.28
C ALA A 172 -17.88 -2.14 1.98
N LEU A 173 -17.80 -0.82 1.83
CA LEU A 173 -18.77 0.08 2.46
C LEU A 173 -19.73 0.60 1.39
N ASN A 174 -21.02 0.39 1.61
CA ASN A 174 -22.03 0.86 0.66
C ASN A 174 -22.01 2.38 0.69
N VAL A 175 -22.15 3.00 -0.48
CA VAL A 175 -22.17 4.45 -0.57
C VAL A 175 -23.37 4.93 -1.37
N ASP A 176 -23.79 6.16 -1.13
CA ASP A 176 -24.92 6.74 -1.85
C ASP A 176 -24.74 6.57 -3.34
N GLY A 177 -25.75 6.07 -4.04
CA GLY A 177 -25.66 5.89 -5.48
C GLY A 177 -25.59 4.44 -5.90
N GLY A 178 -25.33 3.55 -4.95
CA GLY A 178 -25.27 2.13 -5.22
C GLY A 178 -23.89 1.52 -5.37
N GLY A 179 -22.85 2.34 -5.24
CA GLY A 179 -21.48 1.86 -5.35
C GLY A 179 -20.89 1.42 -4.02
N TYR A 180 -19.58 1.16 -4.02
CA TYR A 180 -18.88 0.71 -2.82
C TYR A 180 -17.57 1.47 -2.64
N LEU A 181 -17.15 1.60 -1.39
CA LEU A 181 -15.86 2.18 -1.05
C LEU A 181 -15.10 1.05 -0.37
N PHE A 182 -13.92 0.72 -0.91
CA PHE A 182 -13.11 -0.39 -0.41
C PHE A 182 -12.12 0.02 0.67
N CYS A 183 -11.85 -0.91 1.57
CA CYS A 183 -10.84 -0.72 2.59
C CYS A 183 -10.33 -2.09 3.02
N SER A 184 -9.13 -2.13 3.58
CA SER A 184 -8.56 -3.38 4.07
C SER A 184 -7.80 -3.07 5.35
N PHE A 185 -7.66 -4.06 6.21
CA PHE A 185 -6.92 -3.85 7.44
C PHE A 185 -6.11 -5.04 7.89
N GLU A 186 -5.08 -4.74 8.68
CA GLU A 186 -4.25 -5.76 9.28
C GLU A 186 -4.28 -5.49 10.78
N THR A 187 -4.52 -6.56 11.56
CA THR A 187 -4.64 -6.47 13.00
C THR A 187 -3.66 -7.42 13.67
N THR A 188 -3.21 -7.03 14.86
CA THR A 188 -2.40 -7.92 15.68
C THR A 188 -3.13 -8.02 17.02
N TYR A 189 -3.56 -9.23 17.36
CA TYR A 189 -4.24 -9.47 18.62
C TYR A 189 -3.20 -10.01 19.58
N ARG A 190 -3.10 -9.42 20.77
CA ARG A 190 -2.10 -9.83 21.75
C ARG A 190 -2.74 -10.21 23.08
N SER A 191 -2.47 -11.43 23.54
CA SER A 191 -3.01 -11.89 24.82
C SER A 191 -2.19 -11.32 25.97
N LYS A 192 -2.86 -10.93 27.05
CA LYS A 192 -2.19 -10.40 28.22
C LYS A 192 -1.88 -11.55 29.17
N LYS A 193 -2.32 -12.75 28.80
CA LYS A 193 -2.09 -13.93 29.61
C LYS A 193 -0.82 -14.68 29.22
N THR A 194 -0.14 -15.19 30.22
CA THR A 194 1.04 -16.01 30.02
C THR A 194 0.68 -17.36 30.64
N ASP A 195 0.43 -18.35 29.78
CA ASP A 195 0.04 -19.67 30.26
C ASP A 195 0.60 -20.75 29.32
N GLU A 196 1.43 -21.62 29.87
CA GLU A 196 2.04 -22.69 29.08
C GLU A 196 0.97 -23.61 28.49
N ASN A 197 -0.23 -23.56 29.05
CA ASN A 197 -1.33 -24.40 28.57
C ASN A 197 -2.21 -23.69 27.54
N PHE A 198 -1.84 -22.46 27.20
CA PHE A 198 -2.58 -21.68 26.21
C PHE A 198 -2.47 -22.37 24.86
N LYS A 199 -3.59 -22.55 24.18
CA LYS A 199 -3.57 -23.20 22.88
C LYS A 199 -3.74 -22.18 21.76
N MET A 200 -2.70 -22.03 20.94
CA MET A 200 -2.73 -21.07 19.84
C MET A 200 -3.40 -21.71 18.62
N PRO A 201 -4.36 -21.00 18.02
CA PRO A 201 -4.97 -21.63 16.84
C PRO A 201 -4.00 -21.56 15.67
N GLY A 202 -4.31 -22.31 14.61
CA GLY A 202 -3.52 -22.28 13.40
C GLY A 202 -4.24 -21.35 12.44
N PHE A 203 -3.94 -21.49 11.14
CA PHE A 203 -4.58 -20.68 10.12
C PHE A 203 -6.08 -20.96 10.08
N HIS A 204 -6.89 -19.90 10.02
CA HIS A 204 -8.34 -20.03 9.94
C HIS A 204 -8.99 -18.72 9.51
N PHE A 205 -10.32 -18.73 9.39
CA PHE A 205 -11.05 -17.54 9.00
C PHE A 205 -12.09 -17.20 10.04
N VAL A 206 -12.56 -15.97 10.00
CA VAL A 206 -13.68 -15.55 10.84
C VAL A 206 -14.62 -14.80 9.91
N ASP A 207 -15.84 -15.33 9.78
CA ASP A 207 -16.86 -14.68 8.95
C ASP A 207 -17.53 -13.66 9.86
N HIS A 208 -17.70 -12.43 9.36
CA HIS A 208 -18.34 -11.37 10.13
C HIS A 208 -19.51 -10.77 9.36
N ARG A 209 -20.51 -10.31 10.11
CA ARG A 209 -21.62 -9.55 9.52
C ARG A 209 -22.04 -8.49 10.53
N LEU A 210 -21.55 -7.27 10.33
CA LEU A 210 -21.85 -6.17 11.22
C LEU A 210 -22.92 -5.30 10.60
N GLU A 211 -24.03 -5.12 11.32
CA GLU A 211 -25.14 -4.34 10.80
C GLU A 211 -25.61 -3.28 11.79
N ARG A 212 -26.02 -2.14 11.26
CA ARG A 212 -26.57 -1.07 12.08
C ARG A 212 -28.07 -1.32 12.22
N LEU A 213 -28.54 -1.43 13.44
CA LEU A 213 -29.96 -1.72 13.70
C LEU A 213 -30.81 -0.45 13.84
N GLU A 214 -30.22 0.59 14.40
CA GLU A 214 -30.92 1.85 14.62
C GLU A 214 -29.95 3.01 14.76
N GLU A 215 -30.46 4.22 14.59
CA GLU A 215 -29.66 5.41 14.77
C GLU A 215 -30.60 6.59 14.93
N SER A 216 -30.14 7.62 15.62
CA SER A 216 -30.95 8.82 15.81
C SER A 216 -30.05 10.02 16.09
N ASP A 217 -30.61 11.21 15.95
CA ASP A 217 -29.89 12.45 16.22
C ASP A 217 -28.61 12.60 15.41
N LYS A 218 -28.73 12.46 14.09
CA LYS A 218 -27.57 12.58 13.21
C LYS A 218 -26.42 11.69 13.67
N GLU A 219 -26.75 10.43 13.93
CA GLU A 219 -25.77 9.43 14.35
C GLU A 219 -25.15 9.65 15.72
N MET A 220 -25.83 10.41 16.59
CA MET A 220 -25.32 10.61 17.94
C MET A 220 -25.72 9.44 18.83
N PHE A 221 -26.61 8.61 18.30
CA PHE A 221 -27.01 7.37 18.95
C PHE A 221 -27.04 6.29 17.88
N VAL A 222 -26.31 5.21 18.11
CA VAL A 222 -26.22 4.13 17.14
C VAL A 222 -26.31 2.77 17.82
N VAL A 223 -27.06 1.87 17.21
CA VAL A 223 -27.17 0.50 17.71
C VAL A 223 -26.59 -0.41 16.62
N GLN A 224 -25.55 -1.16 16.97
CA GLN A 224 -24.89 -2.07 16.05
C GLN A 224 -25.07 -3.50 16.54
N HIS A 225 -25.03 -4.44 15.59
CA HIS A 225 -25.12 -5.84 15.91
C HIS A 225 -24.08 -6.56 15.06
N GLU A 226 -23.47 -7.60 15.62
CA GLU A 226 -22.50 -8.37 14.88
C GLU A 226 -22.67 -9.86 15.09
N HIS A 227 -22.47 -10.62 14.02
CA HIS A 227 -22.50 -12.07 14.06
C HIS A 227 -21.12 -12.46 13.55
N ALA A 228 -20.41 -13.31 14.28
CA ALA A 228 -19.08 -13.73 13.88
C ALA A 228 -18.86 -15.20 14.17
N VAL A 229 -18.22 -15.90 13.23
CA VAL A 229 -17.95 -17.34 13.39
C VAL A 229 -16.55 -17.70 12.90
N ALA A 230 -15.80 -18.41 13.74
CA ALA A 230 -14.48 -18.88 13.37
C ALA A 230 -14.68 -20.19 12.64
N LYS A 231 -14.03 -20.34 11.49
CA LYS A 231 -14.21 -21.55 10.70
C LYS A 231 -13.07 -21.80 9.74
N PHE A 232 -13.16 -22.94 9.09
CA PHE A 232 -12.22 -23.33 8.05
C PHE A 232 -12.97 -23.08 6.75
N CYS A 233 -12.24 -23.13 5.63
CA CYS A 233 -12.89 -22.95 4.32
C CYS A 233 -13.93 -24.04 4.13
N ASP A 234 -15.08 -23.68 3.58
CA ASP A 234 -16.18 -24.63 3.36
C ASP A 234 -15.86 -25.66 2.29
N LEU A 235 -15.02 -25.29 1.33
CA LEU A 235 -14.69 -26.16 0.20
C LEU A 235 -13.98 -27.45 0.55
N PRO A 236 -14.36 -28.55 -0.11
CA PRO A 236 -13.64 -29.81 0.16
C PRO A 236 -12.20 -29.71 -0.33
N SER A 237 -11.36 -30.60 0.17
CA SER A 237 -9.95 -30.63 -0.20
C SER A 237 -9.58 -31.94 -0.91
N LYS A 238 -8.70 -31.83 -1.91
CA LYS A 238 -8.24 -32.99 -2.65
C LYS A 238 -7.14 -33.72 -1.89
N LEU A 239 -6.52 -33.01 -0.95
CA LEU A 239 -5.40 -33.54 -0.18
C LEU A 239 -5.72 -33.88 1.27
N GLY A 240 -6.97 -33.75 1.66
CA GLY A 240 -7.36 -34.02 3.04
C GLY A 240 -6.94 -32.93 3.99
N ARG A 241 -6.70 -31.73 3.46
CA ARG A 241 -6.31 -30.59 4.29
C ARG A 241 -7.56 -29.96 4.88
N LEU A 242 -7.39 -29.13 5.90
CA LEU A 242 -8.51 -28.41 6.48
C LEU A 242 -8.78 -27.15 5.66
N SER B 16 35.92 6.09 -23.85
CA SER B 16 35.21 5.02 -23.15
C SER B 16 33.96 4.63 -23.92
N LEU B 17 33.29 3.57 -23.47
CA LEU B 17 32.09 3.09 -24.14
C LEU B 17 30.97 4.13 -24.18
N ILE B 18 30.81 4.87 -23.09
CA ILE B 18 29.78 5.91 -23.01
C ILE B 18 30.39 7.26 -23.37
N LYS B 19 30.07 7.76 -24.55
CA LYS B 19 30.63 9.02 -25.04
C LYS B 19 29.90 10.26 -24.54
N GLU B 20 30.50 11.42 -24.81
CA GLU B 20 29.94 12.71 -24.44
C GLU B 20 28.54 12.85 -25.01
N ASN B 21 28.34 12.28 -26.20
CA ASN B 21 27.03 12.30 -26.84
C ASN B 21 26.68 10.87 -27.25
N MET B 22 25.47 10.44 -26.92
CA MET B 22 25.04 9.09 -27.24
C MET B 22 23.64 9.07 -27.83
N ARG B 23 23.41 8.10 -28.72
CA ARG B 23 22.10 7.92 -29.30
C ARG B 23 21.49 6.73 -28.59
N MET B 24 20.16 6.63 -28.62
CA MET B 24 19.48 5.50 -28.01
C MET B 24 18.20 5.23 -28.79
N MET B 25 17.77 3.97 -28.79
CA MET B 25 16.57 3.57 -29.48
C MET B 25 15.77 2.71 -28.52
N VAL B 26 14.45 2.81 -28.61
CA VAL B 26 13.59 2.06 -27.70
C VAL B 26 12.41 1.40 -28.38
N VAL B 27 12.02 0.25 -27.82
CA VAL B 27 10.84 -0.46 -28.26
C VAL B 27 10.05 -0.76 -27.00
N MET B 28 8.83 -0.27 -26.92
CA MET B 28 7.98 -0.52 -25.77
C MET B 28 6.74 -1.26 -26.23
N GLU B 29 6.40 -2.33 -25.50
CA GLU B 29 5.19 -3.07 -25.83
C GLU B 29 4.53 -3.55 -24.56
N GLY B 30 3.21 -3.64 -24.59
CA GLY B 30 2.47 -4.08 -23.43
C GLY B 30 1.02 -3.69 -23.54
N SER B 31 0.37 -3.58 -22.39
CA SER B 31 -1.04 -3.23 -22.36
C SER B 31 -1.37 -2.39 -21.14
N VAL B 32 -2.50 -1.70 -21.23
CA VAL B 32 -3.03 -0.92 -20.12
C VAL B 32 -4.51 -1.24 -20.07
N ASN B 33 -4.96 -1.74 -18.93
CA ASN B 33 -6.36 -2.13 -18.76
C ASN B 33 -6.80 -3.08 -19.87
N GLY B 34 -5.88 -3.94 -20.31
CA GLY B 34 -6.18 -4.93 -21.34
C GLY B 34 -6.01 -4.47 -22.77
N TYR B 35 -5.73 -3.19 -22.96
CA TYR B 35 -5.54 -2.62 -24.29
C TYR B 35 -4.09 -2.71 -24.75
N GLN B 36 -3.85 -3.50 -25.79
CA GLN B 36 -2.50 -3.69 -26.31
C GLN B 36 -2.03 -2.51 -27.17
N PHE B 37 -0.74 -2.21 -27.06
CA PHE B 37 -0.14 -1.13 -27.84
C PHE B 37 1.37 -1.32 -27.96
N LYS B 38 1.97 -0.55 -28.86
CA LYS B 38 3.41 -0.60 -29.06
C LYS B 38 3.92 0.78 -29.43
N CYS B 39 5.11 1.10 -28.94
CA CYS B 39 5.75 2.39 -29.23
C CYS B 39 7.21 2.13 -29.62
N THR B 40 7.75 3.02 -30.45
CA THR B 40 9.16 2.98 -30.80
C THR B 40 9.68 4.39 -30.59
N GLY B 41 10.96 4.51 -30.31
CA GLY B 41 11.55 5.82 -30.10
C GLY B 41 13.02 5.86 -30.43
N GLU B 42 13.52 7.07 -30.69
CA GLU B 42 14.92 7.28 -30.96
C GLU B 42 15.25 8.64 -30.35
N GLY B 43 16.43 8.76 -29.77
CA GLY B 43 16.82 10.02 -29.15
C GLY B 43 18.31 10.14 -29.01
N ASP B 44 18.73 11.14 -28.25
CA ASP B 44 20.14 11.38 -28.01
C ASP B 44 20.26 12.26 -26.78
N GLY B 45 21.47 12.32 -26.22
CA GLY B 45 21.69 13.14 -25.06
C GLY B 45 23.15 13.18 -24.67
N ASN B 46 23.42 13.81 -23.53
CA ASN B 46 24.76 13.93 -22.99
C ASN B 46 24.77 13.23 -21.64
N PRO B 47 25.18 11.96 -21.63
CA PRO B 47 25.22 11.06 -20.47
C PRO B 47 25.85 11.67 -19.23
N TYR B 48 26.92 12.44 -19.42
CA TYR B 48 27.61 13.05 -18.28
C TYR B 48 27.01 14.36 -17.81
N MET B 49 26.18 14.98 -18.66
CA MET B 49 25.51 16.23 -18.31
C MET B 49 24.14 15.90 -17.73
N GLY B 50 23.72 14.66 -17.88
CA GLY B 50 22.43 14.18 -17.38
C GLY B 50 21.22 14.68 -18.14
N THR B 51 21.41 14.96 -19.42
CA THR B 51 20.32 15.47 -20.25
C THR B 51 20.06 14.56 -21.45
N GLN B 52 18.80 14.48 -21.87
CA GLN B 52 18.45 13.64 -23.00
C GLN B 52 17.10 14.01 -23.59
N THR B 53 16.94 13.73 -24.87
CA THR B 53 15.69 14.00 -25.57
C THR B 53 15.35 12.74 -26.36
N MET B 54 14.06 12.40 -26.41
CA MET B 54 13.60 11.23 -27.13
C MET B 54 12.35 11.56 -27.92
N ARG B 55 12.32 11.11 -29.18
CA ARG B 55 11.18 11.31 -30.05
C ARG B 55 10.46 9.96 -30.10
N ILE B 56 9.20 9.94 -29.68
CA ILE B 56 8.44 8.70 -29.58
C ILE B 56 7.22 8.61 -30.49
N LYS B 57 7.01 7.42 -31.05
CA LYS B 57 5.87 7.17 -31.91
C LYS B 57 5.06 5.99 -31.38
N VAL B 58 3.73 6.12 -31.41
CA VAL B 58 2.84 5.02 -31.04
C VAL B 58 2.61 4.30 -32.36
N VAL B 59 3.23 3.14 -32.53
CA VAL B 59 3.15 2.39 -33.78
C VAL B 59 2.04 1.34 -33.88
N GLU B 60 1.48 0.97 -32.74
CA GLU B 60 0.39 -0.01 -32.71
C GLU B 60 -0.57 0.38 -31.61
N GLY B 61 -1.86 0.40 -31.92
CA GLY B 61 -2.88 0.73 -30.95
C GLY B 61 -3.24 2.21 -30.81
N GLY B 62 -2.57 3.07 -31.57
CA GLY B 62 -2.84 4.50 -31.50
C GLY B 62 -4.08 4.89 -32.28
N PRO B 63 -4.76 5.96 -31.84
CA PRO B 63 -4.42 6.77 -30.67
C PRO B 63 -4.77 6.02 -29.39
N LEU B 64 -3.88 6.07 -28.40
CA LEU B 64 -4.09 5.36 -27.15
C LEU B 64 -5.30 5.88 -26.40
N PRO B 65 -6.03 4.96 -25.73
CA PRO B 65 -7.23 5.31 -24.96
C PRO B 65 -6.88 5.77 -23.55
N PHE B 66 -5.59 5.93 -23.29
CA PHE B 66 -5.12 6.36 -21.98
C PHE B 66 -4.05 7.43 -22.13
N ALA B 67 -3.81 8.19 -21.05
CA ALA B 67 -2.82 9.27 -21.07
C ALA B 67 -1.40 8.77 -21.27
N PHE B 68 -0.71 9.33 -22.27
CA PHE B 68 0.66 8.96 -22.55
C PHE B 68 1.56 9.21 -21.34
N ASP B 69 1.17 10.16 -20.49
CA ASP B 69 1.95 10.49 -19.30
C ASP B 69 2.32 9.26 -18.44
N ILE B 70 1.46 8.25 -18.42
CA ILE B 70 1.75 7.06 -17.61
C ILE B 70 2.89 6.20 -18.15
N LEU B 71 3.30 6.48 -19.39
CA LEU B 71 4.38 5.75 -20.03
C LEU B 71 5.70 6.51 -19.92
N ALA B 72 5.62 7.79 -19.62
CA ALA B 72 6.79 8.69 -19.61
C ALA B 72 8.05 8.19 -18.93
N THR B 73 7.93 7.73 -17.70
CA THR B 73 9.08 7.28 -16.92
C THR B 73 9.62 5.93 -17.37
N SER B 74 8.94 5.31 -18.32
CA SER B 74 9.36 4.00 -18.81
C SER B 74 10.28 4.10 -20.03
N PHE B 75 10.28 5.25 -20.68
CA PHE B 75 11.16 5.49 -21.81
C PHE B 75 12.43 6.08 -21.23
N1 NRQ B 76 12.19 6.73 -20.05
CE NRQ B 76 14.11 10.99 -22.72
SD NRQ B 76 13.01 10.98 -21.28
CG1 NRQ B 76 12.76 9.22 -20.96
CB1 NRQ B 76 12.98 8.94 -19.47
CA1 NRQ B 76 13.19 7.45 -19.27
C1 NRQ B 76 13.15 7.10 -17.80
N2 NRQ B 76 12.90 7.97 -16.83
OH NRQ B 76 10.63 12.49 -12.27
CD2 NRQ B 76 12.02 9.16 -12.46
CE2 NRQ B 76 11.50 10.31 -11.94
CZ NRQ B 76 11.14 11.34 -12.80
CE1 NRQ B 76 11.32 11.21 -14.18
CD1 NRQ B 76 11.84 10.05 -14.71
CG2 NRQ B 76 12.23 9.01 -13.84
CB2 NRQ B 76 12.75 7.72 -14.32
CA2 NRQ B 76 13.03 7.31 -15.62
C2 NRQ B 76 13.48 5.96 -15.95
O2 NRQ B 76 13.69 5.06 -15.17
N3 NRQ B 76 13.54 5.89 -17.28
CA3 NRQ B 76 13.81 4.64 -18.02
C3 NRQ B 76 15.11 4.66 -18.78
O3 NRQ B 76 15.49 3.64 -19.32
N SER B 77 15.83 5.78 -18.87
CA SER B 77 17.08 5.93 -19.60
C SER B 77 18.17 6.32 -18.60
N LYS B 78 18.53 5.36 -17.74
CA LYS B 78 19.46 5.55 -16.63
C LYS B 78 20.91 5.93 -16.97
N THR B 79 21.34 5.67 -18.18
CA THR B 79 22.72 5.98 -18.55
C THR B 79 22.96 7.49 -18.62
N PHE B 80 21.90 8.26 -18.72
CA PHE B 80 22.01 9.72 -18.80
C PHE B 80 21.73 10.40 -17.46
N ILE B 81 22.59 10.15 -16.48
CA ILE B 81 22.47 10.80 -15.19
C ILE B 81 23.81 11.41 -14.86
N LYS B 82 23.82 12.69 -14.53
CA LYS B 82 25.07 13.36 -14.17
C LYS B 82 25.38 12.96 -12.73
N HIS B 83 26.55 12.37 -12.52
CA HIS B 83 26.94 11.93 -11.18
C HIS B 83 27.89 12.91 -10.51
N THR B 84 27.41 13.56 -9.45
CA THR B 84 28.21 14.54 -8.73
C THR B 84 28.91 13.91 -7.52
N LYS B 85 29.70 14.73 -6.82
CA LYS B 85 30.43 14.30 -5.62
C LYS B 85 31.11 12.95 -5.81
N GLY B 86 31.09 12.15 -4.75
CA GLY B 86 31.68 10.83 -4.78
C GLY B 86 30.59 9.78 -4.93
N ILE B 87 29.90 9.79 -6.07
CA ILE B 87 28.84 8.83 -6.32
C ILE B 87 29.14 7.98 -7.55
N PRO B 88 29.52 6.71 -7.33
CA PRO B 88 29.81 5.80 -8.44
C PRO B 88 28.60 5.68 -9.37
N ASP B 89 28.87 5.46 -10.66
CA ASP B 89 27.81 5.34 -11.66
C ASP B 89 27.47 3.88 -11.92
N PHE B 90 26.43 3.39 -11.24
CA PHE B 90 25.97 2.02 -11.38
C PHE B 90 25.70 1.64 -12.83
N PHE B 91 25.15 2.60 -13.58
CA PHE B 91 24.77 2.35 -14.97
C PHE B 91 25.91 2.42 -15.99
N LYS B 92 26.73 3.46 -15.91
CA LYS B 92 27.84 3.59 -16.85
C LYS B 92 28.88 2.49 -16.67
N GLN B 93 29.04 2.04 -15.43
CA GLN B 93 29.99 0.97 -15.11
C GLN B 93 29.52 -0.38 -15.63
N SER B 94 28.23 -0.48 -15.95
CA SER B 94 27.63 -1.74 -16.39
C SER B 94 27.94 -2.17 -17.82
N PHE B 95 28.43 -1.25 -18.63
CA PHE B 95 28.72 -1.58 -20.02
C PHE B 95 30.08 -2.23 -20.20
N PRO B 96 30.25 -3.02 -21.28
CA PRO B 96 29.38 -3.31 -22.42
C PRO B 96 28.18 -4.21 -22.10
N GLU B 97 28.28 -5.00 -21.04
CA GLU B 97 27.21 -5.92 -20.67
C GLU B 97 25.82 -5.29 -20.57
N GLY B 98 25.72 -4.16 -19.88
CA GLY B 98 24.44 -3.48 -19.74
C GLY B 98 23.75 -3.76 -18.42
N PHE B 99 22.46 -3.46 -18.36
CA PHE B 99 21.68 -3.65 -17.14
C PHE B 99 20.19 -3.74 -17.42
N THR B 100 19.43 -4.04 -16.37
CA THR B 100 17.98 -4.10 -16.47
C THR B 100 17.38 -3.31 -15.32
N TRP B 101 16.11 -2.95 -15.45
CA TRP B 101 15.39 -2.29 -14.39
C TRP B 101 13.95 -2.79 -14.35
N GLU B 102 13.45 -2.99 -13.14
CA GLU B 102 12.10 -3.51 -12.95
C GLU B 102 11.42 -2.57 -11.97
N ARG B 103 10.16 -2.27 -12.22
CA ARG B 103 9.47 -1.27 -11.42
C ARG B 103 7.97 -1.48 -11.29
N VAL B 104 7.42 -1.02 -10.18
CA VAL B 104 5.99 -1.04 -9.97
C VAL B 104 5.57 0.34 -9.48
N THR B 105 4.70 0.99 -10.25
CA THR B 105 4.20 2.32 -9.91
C THR B 105 2.75 2.19 -9.46
N ARG B 106 2.46 2.71 -8.27
CA ARG B 106 1.11 2.67 -7.72
C ARG B 106 0.51 4.07 -7.64
N TYR B 107 -0.60 4.25 -8.36
CA TYR B 107 -1.31 5.53 -8.37
C TYR B 107 -2.28 5.56 -7.20
N GLU B 108 -2.54 6.75 -6.66
CA GLU B 108 -3.42 6.88 -5.51
C GLU B 108 -4.85 6.40 -5.76
N ASP B 109 -5.24 6.36 -7.03
CA ASP B 109 -6.60 5.96 -7.38
C ASP B 109 -6.77 4.52 -7.86
N GLY B 110 -5.77 3.68 -7.62
CA GLY B 110 -5.89 2.28 -7.98
C GLY B 110 -5.06 1.78 -9.16
N GLY B 111 -4.74 2.65 -10.10
CA GLY B 111 -3.95 2.22 -11.24
C GLY B 111 -2.57 1.73 -10.83
N VAL B 112 -2.11 0.66 -11.45
CA VAL B 112 -0.79 0.12 -11.18
C VAL B 112 -0.08 -0.11 -12.51
N PHE B 113 1.15 0.39 -12.63
CA PHE B 113 1.91 0.25 -13.87
C PHE B 113 3.22 -0.46 -13.59
N THR B 114 3.36 -1.65 -14.14
CA THR B 114 4.55 -2.47 -13.92
C THR B 114 5.41 -2.57 -15.17
N VAL B 115 6.72 -2.55 -14.99
CA VAL B 115 7.65 -2.58 -16.11
C VAL B 115 8.88 -3.45 -15.89
N MET B 116 9.33 -4.10 -16.96
CA MET B 116 10.57 -4.85 -16.97
C MET B 116 11.30 -4.29 -18.21
N GLN B 117 12.44 -3.67 -17.98
CA GLN B 117 13.20 -3.04 -19.05
C GLN B 117 14.59 -3.61 -19.19
N ASP B 118 15.06 -3.75 -20.43
CA ASP B 118 16.40 -4.25 -20.68
C ASP B 118 17.20 -3.18 -21.40
N THR B 119 18.40 -2.89 -20.89
CA THR B 119 19.27 -1.90 -21.51
C THR B 119 20.53 -2.55 -22.06
N SER B 120 20.77 -2.34 -23.34
CA SER B 120 21.96 -2.89 -23.99
C SER B 120 22.69 -1.83 -24.81
N LEU B 121 23.90 -2.15 -25.20
CA LEU B 121 24.72 -1.26 -26.03
C LEU B 121 25.05 -2.02 -27.31
N GLU B 122 24.52 -1.55 -28.43
CA GLU B 122 24.75 -2.19 -29.71
C GLU B 122 25.35 -1.23 -30.72
N ASP B 123 26.59 -1.48 -31.12
CA ASP B 123 27.29 -0.65 -32.10
C ASP B 123 27.26 0.83 -31.73
N GLY B 124 27.63 1.13 -30.49
CA GLY B 124 27.69 2.51 -30.00
C GLY B 124 26.35 3.14 -29.71
N CYS B 125 25.26 2.42 -29.95
CA CYS B 125 23.92 2.95 -29.69
C CYS B 125 23.25 2.21 -28.55
N LEU B 126 22.65 2.96 -27.63
CA LEU B 126 21.96 2.37 -26.50
C LEU B 126 20.62 1.82 -26.99
N VAL B 127 20.32 0.59 -26.61
CA VAL B 127 19.10 -0.08 -27.04
C VAL B 127 18.24 -0.46 -25.85
N TYR B 128 16.99 -0.01 -25.86
CA TYR B 128 16.06 -0.27 -24.77
C TYR B 128 14.87 -1.12 -25.21
N HIS B 129 14.49 -2.07 -24.38
CA HIS B 129 13.29 -2.87 -24.62
C HIS B 129 12.48 -2.86 -23.34
N ALA B 130 11.30 -2.26 -23.39
CA ALA B 130 10.44 -2.16 -22.21
C ALA B 130 9.14 -2.94 -22.39
N LYS B 131 8.88 -3.83 -21.44
CA LYS B 131 7.65 -4.61 -21.43
C LYS B 131 6.78 -4.06 -20.30
N VAL B 132 5.67 -3.43 -20.65
CA VAL B 132 4.83 -2.77 -19.66
C VAL B 132 3.44 -3.38 -19.50
N THR B 133 2.91 -3.25 -18.28
CA THR B 133 1.58 -3.76 -17.97
C THR B 133 0.89 -2.81 -16.99
N GLY B 134 -0.15 -2.15 -17.46
CA GLY B 134 -0.95 -1.26 -16.64
C GLY B 134 -2.26 -1.93 -16.30
N VAL B 135 -2.64 -1.91 -15.04
CA VAL B 135 -3.88 -2.56 -14.60
C VAL B 135 -4.69 -1.71 -13.64
N ASN B 136 -5.99 -1.95 -13.62
CA ASN B 136 -6.91 -1.30 -12.69
C ASN B 136 -7.00 0.22 -12.70
N PHE B 137 -6.66 0.86 -13.82
CA PHE B 137 -6.82 2.31 -13.89
C PHE B 137 -8.31 2.60 -13.93
N PRO B 138 -8.80 3.48 -13.04
CA PRO B 138 -10.24 3.77 -12.97
C PRO B 138 -10.78 4.37 -14.27
N SER B 139 -11.96 3.90 -14.67
CA SER B 139 -12.59 4.35 -15.91
C SER B 139 -12.80 5.85 -15.97
N ASN B 140 -13.15 6.44 -14.84
CA ASN B 140 -13.42 7.88 -14.79
C ASN B 140 -12.25 8.69 -14.24
N GLY B 141 -11.10 8.05 -14.06
CA GLY B 141 -9.92 8.72 -13.55
C GLY B 141 -9.26 9.57 -14.62
N ALA B 142 -8.38 10.48 -14.20
CA ALA B 142 -7.68 11.35 -15.14
C ALA B 142 -6.91 10.60 -16.23
N VAL B 143 -6.33 9.45 -15.90
CA VAL B 143 -5.56 8.70 -16.88
C VAL B 143 -6.39 8.17 -18.04
N MET B 144 -7.46 7.46 -17.72
CA MET B 144 -8.32 6.88 -18.76
C MET B 144 -9.18 7.93 -19.45
N GLN B 145 -9.36 9.08 -18.79
CA GLN B 145 -10.13 10.17 -19.36
C GLN B 145 -9.23 11.13 -20.14
N LYS B 146 -7.93 10.86 -20.11
CA LYS B 146 -6.97 11.69 -20.82
C LYS B 146 -7.02 13.14 -20.36
N LYS B 147 -7.06 13.34 -19.04
CA LYS B 147 -7.10 14.68 -18.46
C LYS B 147 -5.82 15.00 -17.70
N THR B 148 -4.70 14.50 -18.19
CA THR B 148 -3.42 14.73 -17.54
C THR B 148 -2.60 15.78 -18.28
N LYS B 149 -1.75 16.49 -17.55
CA LYS B 149 -0.95 17.58 -18.14
C LYS B 149 0.51 17.60 -17.73
N GLY B 150 1.19 16.46 -17.77
CA GLY B 150 2.60 16.43 -17.46
C GLY B 150 3.00 16.29 -16.00
N TRP B 151 4.20 15.77 -15.79
CA TRP B 151 4.73 15.51 -14.46
C TRP B 151 5.48 16.69 -13.83
N GLU B 152 5.50 16.71 -12.51
CA GLU B 152 6.30 17.68 -11.76
C GLU B 152 7.67 17.01 -11.64
N PRO B 153 8.70 17.80 -11.28
CA PRO B 153 9.99 17.16 -11.07
C PRO B 153 9.89 16.33 -9.78
N SER B 154 10.87 15.47 -9.54
CA SER B 154 10.84 14.62 -8.36
C SER B 154 12.22 14.27 -7.87
N THR B 155 12.29 13.63 -6.72
CA THR B 155 13.57 13.22 -6.14
C THR B 155 13.52 11.74 -5.79
N GLU B 156 14.41 10.96 -6.43
CA GLU B 156 14.50 9.53 -6.18
C GLU B 156 15.51 9.27 -5.07
N MET B 157 15.19 8.31 -4.20
CA MET B 157 16.06 7.92 -3.09
C MET B 157 16.59 6.54 -3.44
N LEU B 158 17.92 6.39 -3.39
CA LEU B 158 18.54 5.12 -3.77
C LEU B 158 19.56 4.56 -2.80
N TYR B 159 19.65 3.24 -2.77
CA TYR B 159 20.63 2.53 -1.97
C TYR B 159 20.74 1.09 -2.44
N PRO B 160 21.89 0.46 -2.19
CA PRO B 160 22.10 -0.93 -2.66
C PRO B 160 21.17 -1.93 -1.98
N ALA B 161 20.70 -2.90 -2.74
CA ALA B 161 19.80 -3.92 -2.21
C ALA B 161 19.46 -5.02 -3.21
N ASP B 162 19.22 -6.21 -2.71
CA ASP B 162 18.82 -7.34 -3.56
C ASP B 162 19.80 -7.62 -4.69
N GLY B 163 21.10 -7.55 -4.41
CA GLY B 163 22.11 -7.81 -5.41
C GLY B 163 22.09 -6.78 -6.53
N GLY B 164 21.58 -5.58 -6.22
CA GLY B 164 21.50 -4.51 -7.19
C GLY B 164 21.37 -3.17 -6.49
N LEU B 165 20.68 -2.25 -7.15
CA LEU B 165 20.45 -0.91 -6.62
C LEU B 165 18.96 -0.66 -6.56
N ARG B 166 18.46 -0.29 -5.38
CA ARG B 166 17.04 -0.03 -5.21
C ARG B 166 16.75 1.47 -5.26
N GLY B 167 15.63 1.82 -5.89
CA GLY B 167 15.21 3.20 -6.00
C GLY B 167 13.77 3.38 -5.59
N TYR B 168 13.47 4.49 -4.95
CA TYR B 168 12.11 4.83 -4.52
C TYR B 168 11.82 6.24 -5.01
N CYS B 169 10.65 6.44 -5.60
CA CYS B 169 10.27 7.77 -6.05
C CYS B 169 8.79 8.05 -5.77
N GLN B 170 8.47 9.34 -5.62
CA GLN B 170 7.11 9.79 -5.40
C GLN B 170 6.92 10.90 -6.41
N MET B 171 5.83 10.84 -7.17
CA MET B 171 5.61 11.81 -8.24
C MET B 171 4.20 12.38 -8.26
N ALA B 172 4.08 13.60 -8.78
CA ALA B 172 2.79 14.27 -8.90
C ALA B 172 2.51 14.58 -10.37
N LEU B 173 1.35 14.15 -10.83
CA LEU B 173 0.93 14.37 -12.20
C LEU B 173 -0.10 15.49 -12.24
N ASN B 174 0.16 16.54 -13.02
CA ASN B 174 -0.79 17.63 -13.13
C ASN B 174 -2.02 17.09 -13.86
N VAL B 175 -3.20 17.53 -13.45
CA VAL B 175 -4.44 17.10 -14.11
C VAL B 175 -5.30 18.33 -14.43
N ASP B 176 -6.20 18.18 -15.40
CA ASP B 176 -7.11 19.25 -15.78
C ASP B 176 -7.80 19.81 -14.55
N GLY B 177 -7.89 21.13 -14.44
CA GLY B 177 -8.53 21.75 -13.30
C GLY B 177 -7.57 22.37 -12.31
N GLY B 178 -6.30 22.01 -12.41
CA GLY B 178 -5.27 22.57 -11.53
C GLY B 178 -4.84 21.69 -10.37
N GLY B 179 -5.38 20.48 -10.30
CA GLY B 179 -5.03 19.56 -9.24
C GLY B 179 -3.89 18.62 -9.61
N TYR B 180 -3.66 17.62 -8.75
CA TYR B 180 -2.60 16.64 -8.93
C TYR B 180 -3.06 15.21 -8.67
N LEU B 181 -2.44 14.28 -9.37
CA LEU B 181 -2.67 12.86 -9.16
C LEU B 181 -1.35 12.27 -8.67
N PHE B 182 -1.36 11.66 -7.50
CA PHE B 182 -0.15 11.12 -6.88
C PHE B 182 0.13 9.68 -7.26
N CYS B 183 1.42 9.33 -7.31
CA CYS B 183 1.84 7.96 -7.53
C CYS B 183 3.23 7.78 -6.93
N SER B 184 3.59 6.53 -6.63
CA SER B 184 4.90 6.25 -6.06
C SER B 184 5.39 4.96 -6.69
N PHE B 185 6.70 4.76 -6.72
CA PHE B 185 7.24 3.54 -7.28
C PHE B 185 8.51 3.04 -6.62
N GLU B 186 8.74 1.74 -6.76
CA GLU B 186 9.95 1.12 -6.24
C GLU B 186 10.57 0.41 -7.42
N THR B 187 11.87 0.64 -7.60
CA THR B 187 12.60 0.06 -8.72
C THR B 187 13.78 -0.76 -8.23
N THR B 188 14.11 -1.81 -8.97
CA THR B 188 15.32 -2.57 -8.71
C THR B 188 16.15 -2.54 -9.98
N TYR B 189 17.32 -1.92 -9.89
CA TYR B 189 18.24 -1.85 -11.03
C TYR B 189 19.26 -2.98 -10.87
N ARG B 190 19.44 -3.77 -11.92
CA ARG B 190 20.36 -4.91 -11.87
C ARG B 190 21.42 -4.86 -12.98
N SER B 191 22.68 -4.93 -12.60
CA SER B 191 23.77 -4.90 -13.56
C SER B 191 23.99 -6.28 -14.20
N LYS B 192 24.33 -6.29 -15.48
CA LYS B 192 24.60 -7.54 -16.18
C LYS B 192 26.09 -7.85 -16.14
N LYS B 193 26.87 -6.91 -15.59
CA LYS B 193 28.32 -7.06 -15.46
C LYS B 193 28.64 -7.76 -14.14
N THR B 194 29.80 -8.42 -14.08
CA THR B 194 30.19 -9.16 -12.89
C THR B 194 31.45 -8.69 -12.17
N ASP B 195 32.31 -7.96 -12.88
CA ASP B 195 33.59 -7.47 -12.35
C ASP B 195 33.68 -7.14 -10.86
N GLU B 196 34.65 -7.77 -10.20
CA GLU B 196 34.89 -7.55 -8.77
C GLU B 196 35.42 -6.14 -8.52
N ASN B 197 35.70 -5.42 -9.60
CA ASN B 197 36.20 -4.05 -9.51
C ASN B 197 35.05 -3.06 -9.46
N PHE B 198 33.88 -3.50 -9.90
CA PHE B 198 32.67 -2.68 -9.93
C PHE B 198 32.46 -1.91 -8.61
N LYS B 199 32.28 -0.61 -8.72
CA LYS B 199 32.08 0.24 -7.54
C LYS B 199 30.59 0.50 -7.31
N MET B 200 30.10 0.04 -6.16
CA MET B 200 28.69 0.23 -5.81
C MET B 200 28.47 1.50 -4.99
N PRO B 201 27.58 2.37 -5.46
CA PRO B 201 27.31 3.61 -4.72
C PRO B 201 26.62 3.30 -3.39
N GLY B 202 26.61 4.28 -2.50
CA GLY B 202 25.93 4.15 -1.23
C GLY B 202 24.60 4.85 -1.33
N PHE B 203 24.04 5.24 -0.19
CA PHE B 203 22.77 5.96 -0.17
C PHE B 203 22.93 7.32 -0.84
N HIS B 204 22.03 7.63 -1.77
CA HIS B 204 22.04 8.92 -2.44
C HIS B 204 20.69 9.23 -3.08
N PHE B 205 20.60 10.39 -3.71
CA PHE B 205 19.39 10.82 -4.37
C PHE B 205 19.66 11.11 -5.84
N VAL B 206 18.60 11.13 -6.63
CA VAL B 206 18.68 11.54 -8.02
C VAL B 206 17.52 12.48 -8.27
N ASP B 207 17.84 13.73 -8.57
CA ASP B 207 16.81 14.72 -8.88
C ASP B 207 16.43 14.49 -10.34
N HIS B 208 15.14 14.51 -10.63
CA HIS B 208 14.65 14.31 -12.00
C HIS B 208 13.71 15.44 -12.40
N ARG B 209 13.74 15.80 -13.68
CA ARG B 209 12.76 16.72 -14.23
C ARG B 209 12.45 16.27 -15.65
N LEU B 210 11.33 15.57 -15.81
CA LEU B 210 10.92 15.05 -17.11
C LEU B 210 9.83 15.94 -17.69
N GLU B 211 10.06 16.47 -18.88
CA GLU B 211 9.10 17.38 -19.50
C GLU B 211 8.79 17.03 -20.94
N ARG B 212 7.52 17.18 -21.31
CA ARG B 212 7.11 16.95 -22.69
C ARG B 212 7.36 18.22 -23.48
N LEU B 213 8.20 18.14 -24.50
CA LEU B 213 8.53 19.30 -25.31
C LEU B 213 7.52 19.57 -26.42
N GLU B 214 6.99 18.49 -26.99
CA GLU B 214 6.01 18.61 -28.07
C GLU B 214 5.17 17.34 -28.20
N GLU B 215 4.09 17.44 -28.95
CA GLU B 215 3.21 16.32 -29.21
C GLU B 215 2.30 16.64 -30.40
N SER B 216 1.81 15.61 -31.07
CA SER B 216 0.92 15.79 -32.21
C SER B 216 0.26 14.47 -32.58
N ASP B 217 -0.72 14.53 -33.48
CA ASP B 217 -1.41 13.33 -33.95
C ASP B 217 -2.08 12.57 -32.81
N LYS B 218 -2.85 13.29 -32.00
CA LYS B 218 -3.55 12.70 -30.85
C LYS B 218 -2.59 11.90 -29.97
N GLU B 219 -1.47 12.52 -29.62
CA GLU B 219 -0.47 11.91 -28.77
C GLU B 219 0.26 10.72 -29.38
N MET B 220 0.18 10.57 -30.70
CA MET B 220 0.85 9.46 -31.37
C MET B 220 2.32 9.79 -31.65
N PHE B 221 2.67 11.06 -31.47
CA PHE B 221 4.05 11.50 -31.60
C PHE B 221 4.34 12.36 -30.38
N VAL B 222 5.37 11.99 -29.63
CA VAL B 222 5.70 12.70 -28.40
C VAL B 222 7.20 12.94 -28.28
N VAL B 223 7.57 14.16 -27.91
CA VAL B 223 8.98 14.50 -27.68
C VAL B 223 9.15 14.76 -26.19
N GLN B 224 9.98 13.96 -25.53
CA GLN B 224 10.23 14.10 -24.09
C GLN B 224 11.67 14.47 -23.84
N HIS B 225 11.88 15.25 -22.78
CA HIS B 225 13.22 15.62 -22.36
C HIS B 225 13.32 15.33 -20.86
N GLU B 226 14.50 14.89 -20.44
CA GLU B 226 14.74 14.63 -19.03
C GLU B 226 16.12 15.11 -18.61
N HIS B 227 16.18 15.67 -17.41
CA HIS B 227 17.41 16.13 -16.80
C HIS B 227 17.47 15.37 -15.47
N ALA B 228 18.59 14.71 -15.20
CA ALA B 228 18.72 13.93 -13.98
C ALA B 228 20.12 14.10 -13.37
N VAL B 229 20.16 14.29 -12.06
CA VAL B 229 21.43 14.48 -11.37
C VAL B 229 21.50 13.69 -10.07
N ALA B 230 22.55 12.86 -9.94
CA ALA B 230 22.78 12.08 -8.73
C ALA B 230 23.51 12.99 -7.75
N LYS B 231 23.02 13.06 -6.52
CA LYS B 231 23.62 13.96 -5.54
C LYS B 231 23.32 13.57 -4.11
N PHE B 232 23.90 14.33 -3.19
CA PHE B 232 23.67 14.14 -1.76
C PHE B 232 22.78 15.30 -1.32
N CYS B 233 22.21 15.19 -0.12
CA CYS B 233 21.39 16.26 0.42
C CYS B 233 22.27 17.50 0.55
N ASP B 234 21.76 18.66 0.14
CA ASP B 234 22.53 19.90 0.17
C ASP B 234 22.63 20.52 1.56
N LEU B 235 21.70 20.17 2.44
CA LEU B 235 21.68 20.73 3.79
C LEU B 235 22.91 20.36 4.61
N PRO B 236 23.41 21.31 5.41
CA PRO B 236 24.57 21.05 6.29
C PRO B 236 24.22 19.96 7.30
N SER B 237 25.24 19.29 7.81
CA SER B 237 25.04 18.23 8.80
C SER B 237 25.74 18.58 10.10
N LYS B 238 25.10 18.29 11.22
CA LYS B 238 25.68 18.54 12.53
C LYS B 238 26.57 17.37 12.95
N LEU B 239 26.43 16.24 12.27
CA LEU B 239 27.20 15.05 12.59
C LEU B 239 28.28 14.73 11.55
N GLY B 240 28.50 15.65 10.62
CA GLY B 240 29.48 15.46 9.57
C GLY B 240 29.11 14.34 8.62
N ARG B 241 27.81 14.13 8.45
CA ARG B 241 27.29 13.10 7.55
C ARG B 241 27.06 13.67 6.15
N LEU B 242 27.11 12.80 5.15
CA LEU B 242 26.85 13.21 3.77
C LEU B 242 25.34 13.38 3.59
N SER C 16 6.68 40.45 15.10
CA SER C 16 5.99 39.32 14.50
C SER C 16 5.73 38.23 15.53
N LEU C 17 4.58 37.56 15.42
CA LEU C 17 4.24 36.49 16.35
C LEU C 17 5.36 35.47 16.36
N ILE C 18 5.89 35.16 15.19
CA ILE C 18 7.01 34.22 15.08
C ILE C 18 8.29 35.03 14.99
N LYS C 19 9.08 35.00 16.06
CA LYS C 19 10.31 35.79 16.14
C LYS C 19 11.54 35.09 15.58
N GLU C 20 12.63 35.84 15.43
CA GLU C 20 13.87 35.29 14.90
C GLU C 20 14.31 34.09 15.72
N ASN C 21 13.95 34.09 17.00
CA ASN C 21 14.25 32.97 17.87
C ASN C 21 12.95 32.61 18.60
N MET C 22 12.67 31.32 18.66
CA MET C 22 11.45 30.84 19.32
C MET C 22 11.74 29.59 20.13
N ARG C 23 11.00 29.43 21.23
CA ARG C 23 11.12 28.25 22.06
C ARG C 23 9.90 27.40 21.78
N MET C 24 9.99 26.12 22.10
CA MET C 24 8.86 25.21 21.91
C MET C 24 8.77 24.19 23.03
N MET C 25 7.56 23.73 23.30
CA MET C 25 7.33 22.71 24.31
C MET C 25 6.49 21.62 23.67
N VAL C 26 6.74 20.37 24.05
CA VAL C 26 6.01 19.25 23.47
C VAL C 26 5.60 18.21 24.47
N VAL C 27 4.46 17.59 24.20
CA VAL C 27 3.96 16.47 24.97
C VAL C 27 3.51 15.45 23.94
N MET C 28 4.06 14.24 24.02
CA MET C 28 3.68 13.17 23.11
C MET C 28 3.16 12.01 23.94
N GLU C 29 1.95 11.55 23.63
CA GLU C 29 1.40 10.40 24.32
C GLU C 29 0.85 9.41 23.31
N GLY C 30 0.87 8.13 23.66
CA GLY C 30 0.36 7.12 22.77
C GLY C 30 0.89 5.73 23.09
N SER C 31 0.92 4.89 22.06
CA SER C 31 1.38 3.52 22.24
C SER C 31 2.00 2.98 20.97
N VAL C 32 2.82 1.94 21.13
CA VAL C 32 3.44 1.25 20.01
C VAL C 32 3.29 -0.24 20.32
N ASN C 33 2.59 -0.95 19.44
CA ASN C 33 2.34 -2.37 19.63
C ASN C 33 1.67 -2.64 20.97
N GLY C 34 0.77 -1.74 21.36
CA GLY C 34 0.02 -1.85 22.60
C GLY C 34 0.74 -1.33 23.83
N TYR C 35 1.99 -0.92 23.68
CA TYR C 35 2.78 -0.41 24.79
C TYR C 35 2.62 1.11 24.96
N GLN C 36 2.03 1.51 26.08
CA GLN C 36 1.78 2.93 26.34
C GLN C 36 3.02 3.65 26.85
N PHE C 37 3.15 4.92 26.47
CA PHE C 37 4.28 5.73 26.90
C PHE C 37 3.95 7.21 26.76
N LYS C 38 4.82 8.04 27.31
CA LYS C 38 4.65 9.48 27.25
C LYS C 38 6.01 10.15 27.23
N CYS C 39 6.12 11.22 26.46
CA CYS C 39 7.36 11.97 26.34
C CYS C 39 7.06 13.45 26.48
N THR C 40 8.02 14.19 27.01
CA THR C 40 7.91 15.63 27.10
C THR C 40 9.21 16.17 26.55
N GLY C 41 9.17 17.37 25.99
CA GLY C 41 10.37 17.96 25.44
C GLY C 41 10.29 19.46 25.42
N GLU C 42 11.45 20.09 25.30
CA GLU C 42 11.53 21.52 25.19
C GLU C 42 12.72 21.83 24.30
N GLY C 43 12.64 22.90 23.53
CA GLY C 43 13.72 23.26 22.63
C GLY C 43 13.61 24.68 22.16
N ASP C 44 14.40 25.01 21.15
CA ASP C 44 14.40 26.34 20.59
C ASP C 44 14.99 26.27 19.19
N GLY C 45 14.81 27.32 18.42
CA GLY C 45 15.35 27.35 17.09
C GLY C 45 15.17 28.70 16.44
N ASN C 46 15.57 28.78 15.18
CA ASN C 46 15.45 30.01 14.41
C ASN C 46 14.52 29.69 13.26
N PRO C 47 13.22 29.99 13.43
CA PRO C 47 12.19 29.66 12.45
C PRO C 47 12.53 30.08 11.02
N TYR C 48 13.14 31.25 10.87
CA TYR C 48 13.47 31.75 9.55
C TYR C 48 14.72 31.17 8.92
N MET C 49 15.55 30.51 9.73
CA MET C 49 16.76 29.87 9.25
C MET C 49 16.49 28.39 9.02
N GLY C 50 15.34 27.93 9.50
CA GLY C 50 14.93 26.54 9.35
C GLY C 50 15.70 25.56 10.22
N THR C 51 16.20 26.03 11.36
CA THR C 51 16.97 25.18 12.26
C THR C 51 16.31 25.12 13.64
N GLN C 52 16.43 23.97 14.30
CA GLN C 52 15.82 23.79 15.61
C GLN C 52 16.43 22.62 16.38
N THR C 53 16.43 22.72 17.70
CA THR C 53 16.96 21.67 18.55
C THR C 53 15.95 21.37 19.64
N MET C 54 15.75 20.10 19.94
CA MET C 54 14.77 19.71 20.95
C MET C 54 15.35 18.70 21.92
N ARG C 55 15.15 18.94 23.21
CA ARG C 55 15.61 18.02 24.25
C ARG C 55 14.38 17.27 24.74
N ILE C 56 14.39 15.95 24.53
CA ILE C 56 13.24 15.11 24.83
C ILE C 56 13.52 14.08 25.93
N LYS C 57 12.50 13.84 26.76
CA LYS C 57 12.59 12.86 27.83
C LYS C 57 11.40 11.91 27.78
N VAL C 58 11.67 10.63 28.04
CA VAL C 58 10.60 9.63 28.11
C VAL C 58 10.17 9.61 29.57
N VAL C 59 9.03 10.22 29.87
CA VAL C 59 8.57 10.36 31.24
C VAL C 59 7.66 9.24 31.77
N GLU C 60 7.09 8.47 30.85
CA GLU C 60 6.24 7.34 31.22
C GLU C 60 6.52 6.19 30.27
N GLY C 61 6.74 5.00 30.82
CA GLY C 61 6.99 3.80 30.04
C GLY C 61 8.43 3.56 29.64
N GLY C 62 9.34 4.42 30.09
CA GLY C 62 10.74 4.27 29.76
C GLY C 62 11.43 3.28 30.68
N PRO C 63 12.44 2.56 30.16
CA PRO C 63 12.97 2.60 28.79
C PRO C 63 12.02 1.93 27.80
N LEU C 64 11.82 2.58 26.66
CA LEU C 64 10.93 2.07 25.62
C LEU C 64 11.44 0.77 25.02
N PRO C 65 10.52 -0.17 24.72
CA PRO C 65 10.88 -1.46 24.13
C PRO C 65 10.99 -1.37 22.61
N PHE C 66 11.00 -0.15 22.08
CA PHE C 66 11.11 0.06 20.64
C PHE C 66 12.08 1.20 20.34
N ALA C 67 12.57 1.23 19.11
CA ALA C 67 13.51 2.26 18.69
C ALA C 67 12.90 3.66 18.73
N PHE C 68 13.54 4.57 19.45
CA PHE C 68 13.07 5.95 19.56
C PHE C 68 12.98 6.59 18.17
N ASP C 69 13.77 6.08 17.23
CA ASP C 69 13.81 6.61 15.88
C ASP C 69 12.42 6.74 15.23
N ILE C 70 11.49 5.85 15.57
CA ILE C 70 10.15 5.91 14.99
C ILE C 70 9.32 7.09 15.47
N LEU C 71 9.80 7.77 16.53
CA LEU C 71 9.10 8.93 17.09
C LEU C 71 9.68 10.25 16.59
N ALA C 72 10.86 10.18 15.98
CA ALA C 72 11.61 11.37 15.52
C ALA C 72 10.83 12.45 14.77
N THR C 73 10.14 12.05 13.70
CA THR C 73 9.40 12.96 12.85
C THR C 73 8.12 13.51 13.45
N SER C 74 7.77 13.04 14.64
CA SER C 74 6.54 13.49 15.29
C SER C 74 6.81 14.62 16.25
N PHE C 75 8.06 14.77 16.64
CA PHE C 75 8.47 15.85 17.51
C PHE C 75 8.76 17.02 16.59
N1 NRQ C 76 9.27 16.58 15.40
CE NRQ C 76 14.12 19.07 16.75
SD NRQ C 76 13.60 17.89 15.48
CG1 NRQ C 76 11.83 18.26 15.29
CB1 NRQ C 76 11.24 17.35 14.21
CA1 NRQ C 76 9.72 17.43 14.30
C1 NRQ C 76 9.09 17.05 12.98
N2 NRQ C 76 9.77 16.63 11.92
OH NRQ C 76 13.53 13.75 7.04
CD2 NRQ C 76 10.16 14.90 7.67
CE2 NRQ C 76 11.25 14.36 7.04
CZ NRQ C 76 12.47 14.30 7.68
CE1 NRQ C 76 12.60 14.80 8.98
CD1 NRQ C 76 11.52 15.36 9.64
CG2 NRQ C 76 10.28 15.44 8.97
CB2 NRQ C 76 9.06 15.97 9.59
CA2 NRQ C 76 8.88 16.47 10.88
C2 NRQ C 76 7.59 16.92 11.38
O2 NRQ C 76 6.53 16.91 10.78
N3 NRQ C 76 7.77 17.28 12.66
CA3 NRQ C 76 6.69 17.64 13.57
C3 NRQ C 76 6.71 19.10 13.96
O3 NRQ C 76 5.77 19.56 14.58
N SER C 77 7.77 19.87 13.64
CA SER C 77 7.85 21.27 14.04
C SER C 77 7.94 22.14 12.78
N LYS C 78 6.81 22.25 12.09
CA LYS C 78 6.70 22.95 10.81
C LYS C 78 6.97 24.45 10.77
N THR C 79 6.90 25.11 11.92
CA THR C 79 7.12 26.55 11.99
C THR C 79 8.57 26.89 11.66
N PHE C 80 9.46 25.92 11.85
CA PHE C 80 10.89 26.10 11.60
C PHE C 80 11.33 25.64 10.20
N ILE C 81 10.81 26.28 9.16
CA ILE C 81 11.20 25.96 7.80
C ILE C 81 11.62 27.25 7.12
N LYS C 82 12.80 27.23 6.51
CA LYS C 82 13.31 28.41 5.82
C LYS C 82 12.58 28.61 4.49
N HIS C 83 12.23 29.86 4.20
CA HIS C 83 11.56 30.23 2.95
C HIS C 83 12.33 31.39 2.32
N THR C 84 12.42 31.41 1.00
CA THR C 84 13.10 32.49 0.30
C THR C 84 12.12 33.26 -0.58
N LYS C 85 11.85 32.72 -1.76
CA LYS C 85 10.92 33.34 -2.69
C LYS C 85 10.00 32.32 -3.33
N GLY C 86 8.84 32.80 -3.80
CA GLY C 86 7.88 32.00 -4.53
C GLY C 86 7.02 31.02 -3.77
N ILE C 87 7.34 30.79 -2.50
CA ILE C 87 6.56 29.84 -1.68
C ILE C 87 5.98 30.46 -0.42
N PRO C 88 4.70 30.83 -0.44
CA PRO C 88 4.10 31.37 0.80
C PRO C 88 4.23 30.35 1.94
N ASP C 89 4.39 30.84 3.16
CA ASP C 89 4.59 30.02 4.34
C ASP C 89 3.26 29.65 5.00
N PHE C 90 2.78 28.46 4.71
CA PHE C 90 1.50 27.96 5.24
C PHE C 90 1.48 27.97 6.76
N PHE C 91 2.61 27.64 7.36
CA PHE C 91 2.69 27.51 8.81
C PHE C 91 2.81 28.84 9.57
N LYS C 92 3.74 29.70 9.16
CA LYS C 92 3.88 30.97 9.86
C LYS C 92 2.65 31.86 9.70
N GLN C 93 1.99 31.75 8.55
CA GLN C 93 0.77 32.52 8.29
C GLN C 93 -0.39 32.09 9.20
N SER C 94 -0.30 30.89 9.75
CA SER C 94 -1.39 30.34 10.55
C SER C 94 -1.56 30.94 11.94
N PHE C 95 -0.54 31.64 12.41
CA PHE C 95 -0.58 32.23 13.74
C PHE C 95 -1.35 33.55 13.81
N PRO C 96 -1.94 33.86 14.96
CA PRO C 96 -1.86 33.17 16.26
C PRO C 96 -2.67 31.87 16.43
N GLU C 97 -3.63 31.63 15.54
CA GLU C 97 -4.49 30.44 15.67
C GLU C 97 -3.75 29.10 15.66
N GLY C 98 -2.71 29.00 14.86
CA GLY C 98 -1.93 27.77 14.79
C GLY C 98 -2.44 26.82 13.72
N PHE C 99 -1.99 25.57 13.81
CA PHE C 99 -2.36 24.57 12.82
C PHE C 99 -2.26 23.17 13.40
N THR C 100 -2.70 22.19 12.62
CA THR C 100 -2.61 20.79 13.01
C THR C 100 -1.98 20.03 11.87
N TRP C 101 -1.50 18.83 12.18
CA TRP C 101 -0.99 17.93 11.16
C TRP C 101 -1.35 16.50 11.53
N GLU C 102 -1.73 15.73 10.53
CA GLU C 102 -2.13 14.34 10.73
C GLU C 102 -1.33 13.54 9.70
N ARG C 103 -0.83 12.40 10.12
CA ARG C 103 0.06 11.62 9.25
C ARG C 103 -0.03 10.14 9.48
N VAL C 104 0.31 9.38 8.44
CA VAL C 104 0.43 7.93 8.55
C VAL C 104 1.71 7.52 7.86
N THR C 105 2.57 6.84 8.60
CA THR C 105 3.86 6.37 8.09
C THR C 105 3.78 4.85 7.98
N ARG C 106 4.11 4.33 6.81
CA ARG C 106 4.08 2.89 6.59
C ARG C 106 5.49 2.37 6.36
N TYR C 107 5.93 1.44 7.21
CA TYR C 107 7.24 0.83 7.07
C TYR C 107 7.13 -0.38 6.15
N GLU C 108 8.19 -0.62 5.38
CA GLU C 108 8.20 -1.72 4.43
C GLU C 108 7.98 -3.09 5.04
N ASP C 109 8.18 -3.20 6.36
CA ASP C 109 8.01 -4.49 7.03
C ASP C 109 6.71 -4.65 7.82
N GLY C 110 5.74 -3.79 7.57
CA GLY C 110 4.44 -3.89 8.21
C GLY C 110 4.10 -2.89 9.29
N GLY C 111 5.13 -2.30 9.91
CA GLY C 111 4.91 -1.33 10.96
C GLY C 111 4.21 -0.11 10.42
N VAL C 112 3.26 0.42 11.19
CA VAL C 112 2.54 1.63 10.81
C VAL C 112 2.48 2.59 12.00
N PHE C 113 2.82 3.84 11.76
CA PHE C 113 2.84 4.88 12.80
C PHE C 113 1.95 6.04 12.38
N THR C 114 0.87 6.24 13.13
CA THR C 114 -0.13 7.27 12.82
C THR C 114 -0.13 8.34 13.91
N VAL C 115 -0.25 9.60 13.49
CA VAL C 115 -0.17 10.72 14.42
C VAL C 115 -1.18 11.83 14.13
N MET C 116 -1.65 12.47 15.20
CA MET C 116 -2.49 13.66 15.11
C MET C 116 -1.77 14.66 16.03
N GLN C 117 -1.37 15.79 15.46
CA GLN C 117 -0.61 16.78 16.22
C GLN C 117 -1.29 18.14 16.19
N ASP C 118 -1.27 18.83 17.33
CA ASP C 118 -1.83 20.17 17.43
C ASP C 118 -0.69 21.13 17.73
N THR C 119 -0.63 22.23 16.99
CA THR C 119 0.39 23.24 17.20
C THR C 119 -0.28 24.55 17.57
N SER C 120 0.09 25.09 18.73
CA SER C 120 -0.50 26.34 19.21
C SER C 120 0.60 27.28 19.66
N LEU C 121 0.22 28.54 19.92
CA LEU C 121 1.16 29.54 20.36
C LEU C 121 0.63 30.12 21.66
N GLU C 122 1.36 29.90 22.75
CA GLU C 122 0.93 30.36 24.07
C GLU C 122 2.00 31.18 24.77
N ASP C 123 1.70 32.44 25.02
CA ASP C 123 2.63 33.35 25.70
C ASP C 123 4.01 33.37 25.05
N GLY C 124 4.04 33.48 23.72
CA GLY C 124 5.28 33.55 22.96
C GLY C 124 6.01 32.23 22.78
N CYS C 125 5.42 31.14 23.26
CA CYS C 125 6.04 29.82 23.15
C CYS C 125 5.21 28.89 22.28
N LEU C 126 5.88 28.11 21.42
CA LEU C 126 5.19 27.17 20.56
C LEU C 126 4.86 25.93 21.39
N VAL C 127 3.60 25.50 21.35
CA VAL C 127 3.17 24.35 22.13
C VAL C 127 2.66 23.24 21.22
N TYR C 128 3.28 22.07 21.33
CA TYR C 128 2.89 20.91 20.51
C TYR C 128 2.32 19.79 21.36
N HIS C 129 1.25 19.19 20.87
CA HIS C 129 0.70 18.00 21.52
C HIS C 129 0.53 16.95 20.43
N ALA C 130 1.24 15.83 20.57
CA ALA C 130 1.18 14.76 19.59
C ALA C 130 0.57 13.49 20.17
N LYS C 131 -0.45 12.97 19.50
CA LYS C 131 -1.10 11.73 19.90
C LYS C 131 -0.67 10.68 18.87
N VAL C 132 0.11 9.70 19.32
CA VAL C 132 0.67 8.71 18.41
C VAL C 132 0.20 7.27 18.63
N THR C 133 0.17 6.50 17.54
CA THR C 133 -0.22 5.10 17.60
C THR C 133 0.60 4.30 16.60
N GLY C 134 1.42 3.39 17.11
CA GLY C 134 2.23 2.50 16.29
C GLY C 134 1.63 1.11 16.37
N VAL C 135 1.44 0.48 15.21
CA VAL C 135 0.85 -0.84 15.18
C VAL C 135 1.57 -1.79 14.23
N ASN C 136 1.46 -3.07 14.52
CA ASN C 136 2.00 -4.12 13.65
C ASN C 136 3.51 -4.10 13.37
N PHE C 137 4.30 -3.52 14.26
CA PHE C 137 5.76 -3.55 14.06
C PHE C 137 6.21 -4.98 14.32
N PRO C 138 6.91 -5.59 13.35
CA PRO C 138 7.32 -7.00 13.49
C PRO C 138 8.21 -7.24 14.70
N SER C 139 7.92 -8.31 15.43
CA SER C 139 8.67 -8.67 16.64
C SER C 139 10.18 -8.73 16.42
N ASN C 140 10.60 -9.30 15.30
CA ASN C 140 12.03 -9.44 15.00
C ASN C 140 12.59 -8.39 14.06
N GLY C 141 11.83 -7.34 13.81
CA GLY C 141 12.26 -6.25 12.96
C GLY C 141 13.22 -5.34 13.70
N ALA C 142 13.90 -4.46 12.96
CA ALA C 142 14.87 -3.55 13.54
C ALA C 142 14.28 -2.60 14.57
N VAL C 143 13.01 -2.22 14.40
CA VAL C 143 12.37 -1.29 15.34
C VAL C 143 12.17 -1.89 16.72
N MET C 144 11.50 -3.03 16.80
CA MET C 144 11.23 -3.68 18.08
C MET C 144 12.49 -4.28 18.70
N GLN C 145 13.51 -4.52 17.88
CA GLN C 145 14.77 -5.07 18.37
C GLN C 145 15.78 -3.97 18.72
N LYS C 146 15.40 -2.72 18.46
CA LYS C 146 16.26 -1.58 18.75
C LYS C 146 17.61 -1.66 18.02
N LYS C 147 17.55 -1.92 16.73
CA LYS C 147 18.76 -2.02 15.91
C LYS C 147 18.77 -0.92 14.85
N THR C 148 18.23 0.23 15.21
CA THR C 148 18.17 1.36 14.30
C THR C 148 19.26 2.39 14.65
N LYS C 149 19.72 3.12 13.63
CA LYS C 149 20.78 4.09 13.84
C LYS C 149 20.60 5.44 13.15
N GLY C 150 19.43 6.03 13.31
CA GLY C 150 19.18 7.36 12.76
C GLY C 150 18.71 7.39 11.31
N TRP C 151 18.04 8.49 10.97
CA TRP C 151 17.48 8.71 9.65
C TRP C 151 18.43 9.40 8.67
N GLU C 152 18.19 9.17 7.39
CA GLU C 152 18.93 9.86 6.33
C GLU C 152 18.12 11.13 6.07
N PRO C 153 18.71 12.10 5.36
CA PRO C 153 17.91 13.28 5.03
C PRO C 153 16.83 12.85 4.05
N SER C 154 15.88 13.74 3.76
CA SER C 154 14.80 13.41 2.84
C SER C 154 14.19 14.64 2.21
N THR C 155 13.38 14.42 1.19
CA THR C 155 12.70 15.49 0.49
C THR C 155 11.19 15.25 0.55
N GLU C 156 10.46 16.24 1.04
CA GLU C 156 9.02 16.14 1.13
C GLU C 156 8.43 16.86 -0.09
N MET C 157 7.38 16.27 -0.66
CA MET C 157 6.71 16.85 -1.82
C MET C 157 5.35 17.35 -1.34
N LEU C 158 5.05 18.61 -1.59
CA LEU C 158 3.81 19.21 -1.10
C LEU C 158 2.97 19.92 -2.14
N TYR C 159 1.66 19.94 -1.90
CA TYR C 159 0.70 20.64 -2.73
C TYR C 159 -0.65 20.77 -2.04
N PRO C 160 -1.43 21.78 -2.43
CA PRO C 160 -2.73 21.98 -1.78
C PRO C 160 -3.68 20.81 -2.00
N ALA C 161 -4.43 20.46 -0.97
CA ALA C 161 -5.42 19.39 -1.06
C ALA C 161 -6.26 19.31 0.21
N ASP C 162 -7.48 18.83 0.04
CA ASP C 162 -8.40 18.60 1.16
C ASP C 162 -8.61 19.78 2.12
N GLY C 163 -8.55 21.00 1.60
CA GLY C 163 -8.76 22.17 2.42
C GLY C 163 -7.54 22.55 3.25
N GLY C 164 -6.40 21.93 2.93
CA GLY C 164 -5.15 22.21 3.62
C GLY C 164 -3.97 21.99 2.69
N LEU C 165 -2.85 21.58 3.27
CA LEU C 165 -1.65 21.32 2.50
C LEU C 165 -1.28 19.84 2.65
N ARG C 166 -1.09 19.15 1.53
CA ARG C 166 -0.72 17.74 1.59
C ARG C 166 0.78 17.56 1.39
N GLY C 167 1.36 16.65 2.14
CA GLY C 167 2.78 16.35 2.04
C GLY C 167 3.03 14.86 1.90
N TYR C 168 4.02 14.50 1.09
CA TYR C 168 4.40 13.10 0.90
C TYR C 168 5.90 13.02 1.14
N CYS C 169 6.33 12.00 1.86
CA CYS C 169 7.75 11.84 2.13
C CYS C 169 8.14 10.38 2.13
N GLN C 170 9.40 10.11 1.79
CA GLN C 170 9.97 8.77 1.78
C GLN C 170 11.25 8.89 2.56
N MET C 171 11.45 7.99 3.52
CA MET C 171 12.64 8.04 4.37
C MET C 171 13.32 6.69 4.52
N ALA C 172 14.62 6.74 4.77
CA ALA C 172 15.42 5.54 4.96
C ALA C 172 16.05 5.58 6.35
N LEU C 173 15.82 4.52 7.11
CA LEU C 173 16.33 4.41 8.46
C LEU C 173 17.55 3.49 8.48
N ASN C 174 18.69 4.00 8.96
CA ASN C 174 19.90 3.19 9.06
C ASN C 174 19.67 2.07 10.07
N VAL C 175 20.15 0.87 9.77
CA VAL C 175 20.03 -0.25 10.68
C VAL C 175 21.36 -0.97 10.88
N ASP C 176 21.49 -1.66 12.02
CA ASP C 176 22.71 -2.40 12.33
C ASP C 176 23.08 -3.31 11.16
N GLY C 177 24.35 -3.26 10.76
CA GLY C 177 24.81 -4.08 9.65
C GLY C 177 25.07 -3.29 8.39
N GLY C 178 24.68 -2.01 8.40
CA GLY C 178 24.88 -1.11 7.27
C GLY C 178 23.75 -1.02 6.27
N GLY C 179 22.63 -1.69 6.54
CA GLY C 179 21.49 -1.66 5.66
C GLY C 179 20.51 -0.53 5.95
N TYR C 180 19.34 -0.60 5.33
CA TYR C 180 18.32 0.43 5.51
C TYR C 180 16.92 -0.17 5.63
N LEU C 181 16.06 0.53 6.36
CA LEU C 181 14.66 0.14 6.47
C LEU C 181 13.88 1.29 5.87
N PHE C 182 13.05 0.98 4.88
CA PHE C 182 12.28 2.01 4.18
C PHE C 182 10.92 2.29 4.80
N CYS C 183 10.50 3.54 4.70
CA CYS C 183 9.17 3.95 5.11
C CYS C 183 8.72 5.16 4.29
N SER C 184 7.42 5.36 4.19
CA SER C 184 6.88 6.50 3.45
C SER C 184 5.69 7.01 4.23
N PHE C 185 5.39 8.30 4.05
CA PHE C 185 4.24 8.87 4.73
C PHE C 185 3.49 9.94 3.96
N GLU C 186 2.22 10.10 4.32
CA GLU C 186 1.37 11.12 3.73
C GLU C 186 0.83 11.93 4.89
N THR C 187 0.94 13.25 4.77
CA THR C 187 0.52 14.17 5.81
C THR C 187 -0.49 15.16 5.27
N THR C 188 -1.39 15.60 6.14
CA THR C 188 -2.31 16.70 5.81
C THR C 188 -2.12 17.77 6.89
N TYR C 189 -1.68 18.94 6.46
CA TYR C 189 -1.49 20.07 7.36
C TYR C 189 -2.73 20.95 7.24
N ARG C 190 -3.33 21.30 8.37
CA ARG C 190 -4.54 22.12 8.35
C ARG C 190 -4.37 23.37 9.21
N SER C 191 -4.70 24.52 8.62
CA SER C 191 -4.59 25.77 9.36
C SER C 191 -5.84 25.94 10.22
N LYS C 192 -5.65 26.50 11.41
CA LYS C 192 -6.78 26.76 12.29
C LYS C 192 -7.21 28.21 12.09
N LYS C 193 -6.52 28.90 11.17
CA LYS C 193 -6.84 30.30 10.89
C LYS C 193 -7.75 30.46 9.68
N THR C 194 -8.65 31.44 9.77
CA THR C 194 -9.55 31.77 8.67
C THR C 194 -9.25 33.21 8.27
N ASP C 195 -8.43 33.37 7.24
CA ASP C 195 -8.01 34.69 6.78
C ASP C 195 -8.15 34.82 5.27
N GLU C 196 -8.86 35.84 4.84
CA GLU C 196 -9.06 36.09 3.41
C GLU C 196 -7.74 36.47 2.74
N ASN C 197 -6.77 36.84 3.56
CA ASN C 197 -5.46 37.24 3.06
C ASN C 197 -4.45 36.10 3.12
N PHE C 198 -4.89 34.95 3.60
CA PHE C 198 -4.01 33.78 3.70
C PHE C 198 -3.58 33.35 2.31
N LYS C 199 -2.27 33.22 2.10
CA LYS C 199 -1.75 32.82 0.80
C LYS C 199 -1.33 31.35 0.77
N MET C 200 -2.03 30.56 -0.04
CA MET C 200 -1.73 29.14 -0.14
C MET C 200 -0.60 28.90 -1.15
N PRO C 201 0.40 28.10 -0.77
CA PRO C 201 1.49 27.82 -1.71
C PRO C 201 1.04 26.80 -2.74
N GLY C 202 1.82 26.69 -3.81
CA GLY C 202 1.55 25.73 -4.86
C GLY C 202 2.46 24.54 -4.63
N PHE C 203 2.64 23.72 -5.66
CA PHE C 203 3.51 22.55 -5.56
C PHE C 203 4.94 22.98 -5.24
N HIS C 204 5.55 22.32 -4.27
CA HIS C 204 6.92 22.60 -3.90
C HIS C 204 7.51 21.47 -3.08
N PHE C 205 8.76 21.63 -2.69
CA PHE C 205 9.45 20.63 -1.89
C PHE C 205 9.97 21.21 -0.58
N VAL C 206 10.22 20.33 0.39
CA VAL C 206 10.87 20.71 1.63
C VAL C 206 11.97 19.70 1.89
N ASP C 207 13.21 20.18 1.90
CA ASP C 207 14.35 19.32 2.17
C ASP C 207 14.49 19.26 3.69
N HIS C 208 14.71 18.06 4.23
CA HIS C 208 14.85 17.88 5.67
C HIS C 208 16.11 17.11 6.00
N ARG C 209 16.72 17.43 7.15
CA ARG C 209 17.81 16.64 7.68
C ARG C 209 17.65 16.62 9.19
N LEU C 210 17.13 15.50 9.69
CA LEU C 210 16.89 15.33 11.12
C LEU C 210 17.98 14.44 11.69
N GLU C 211 18.73 14.97 12.65
CA GLU C 211 19.82 14.24 13.25
C GLU C 211 19.74 14.20 14.76
N ARG C 212 20.15 13.08 15.34
CA ARG C 212 20.18 12.92 16.79
C ARG C 212 21.55 13.38 17.26
N LEU C 213 21.57 14.39 18.12
CA LEU C 213 22.83 14.94 18.63
C LEU C 213 23.36 14.20 19.85
N GLU C 214 22.44 13.79 20.73
CA GLU C 214 22.81 13.10 21.95
C GLU C 214 21.70 12.19 22.45
N GLU C 215 22.06 11.26 23.31
CA GLU C 215 21.11 10.33 23.90
C GLU C 215 21.75 9.72 25.14
N SER C 216 20.92 9.26 26.08
CA SER C 216 21.44 8.65 27.30
C SER C 216 20.33 7.95 28.05
N ASP C 217 20.73 6.98 28.88
CA ASP C 217 19.79 6.23 29.69
C ASP C 217 18.83 5.38 28.84
N LYS C 218 19.39 4.57 27.96
CA LYS C 218 18.60 3.71 27.09
C LYS C 218 17.54 4.51 26.35
N GLU C 219 17.97 5.59 25.70
CA GLU C 219 17.08 6.45 24.93
C GLU C 219 15.98 7.13 25.74
N MET C 220 16.19 7.28 27.06
CA MET C 220 15.21 7.97 27.88
C MET C 220 15.42 9.47 27.82
N PHE C 221 16.56 9.87 27.25
CA PHE C 221 16.86 11.28 27.02
C PHE C 221 17.45 11.36 25.62
N VAL C 222 16.86 12.19 24.78
CA VAL C 222 17.30 12.34 23.39
C VAL C 222 17.30 13.79 22.95
N VAL C 223 18.36 14.19 22.24
CA VAL C 223 18.43 15.54 21.70
C VAL C 223 18.40 15.42 20.18
N GLN C 224 17.45 16.11 19.55
CA GLN C 224 17.30 16.07 18.10
C GLN C 224 17.48 17.45 17.50
N HIS C 225 18.05 17.50 16.31
CA HIS C 225 18.22 18.75 15.59
C HIS C 225 17.66 18.55 14.19
N GLU C 226 16.99 19.57 13.66
CA GLU C 226 16.44 19.49 12.31
C GLU C 226 16.71 20.73 11.49
N HIS C 227 17.01 20.52 10.22
CA HIS C 227 17.23 21.60 9.28
C HIS C 227 16.22 21.40 8.16
N ALA C 228 15.43 22.40 7.85
CA ALA C 228 14.41 22.29 6.79
C ALA C 228 14.33 23.55 5.93
N VAL C 229 14.20 23.35 4.61
CA VAL C 229 14.13 24.45 3.66
C VAL C 229 13.04 24.20 2.61
N ALA C 230 12.15 25.17 2.41
CA ALA C 230 11.11 25.07 1.39
C ALA C 230 11.71 25.58 0.08
N LYS C 231 11.60 24.79 -0.98
CA LYS C 231 12.21 25.18 -2.24
C LYS C 231 11.60 24.49 -3.45
N PHE C 232 12.05 24.92 -4.62
CA PHE C 232 11.65 24.32 -5.88
C PHE C 232 12.77 23.38 -6.29
N CYS C 233 12.51 22.52 -7.26
CA CYS C 233 13.53 21.59 -7.73
C CYS C 233 14.72 22.40 -8.27
N ASP C 234 15.94 21.93 -8.01
CA ASP C 234 17.15 22.62 -8.45
C ASP C 234 17.31 22.66 -9.97
N LEU C 235 16.86 21.59 -10.63
CA LEU C 235 17.02 21.44 -12.07
C LEU C 235 16.31 22.48 -12.92
N PRO C 236 16.98 22.95 -13.99
CA PRO C 236 16.30 23.94 -14.84
C PRO C 236 15.19 23.27 -15.64
N SER C 237 14.30 24.09 -16.18
CA SER C 237 13.18 23.61 -16.97
C SER C 237 13.37 24.02 -18.44
N LYS C 238 12.89 23.19 -19.36
CA LYS C 238 12.98 23.50 -20.78
C LYS C 238 11.73 24.27 -21.19
N LEU C 239 10.75 24.31 -20.30
CA LEU C 239 9.47 24.94 -20.58
C LEU C 239 9.17 26.20 -19.77
N GLY C 240 10.07 26.60 -18.88
CA GLY C 240 9.82 27.77 -18.07
C GLY C 240 8.97 27.46 -16.87
N ARG C 241 8.91 26.19 -16.49
CA ARG C 241 8.15 25.79 -15.32
C ARG C 241 9.01 26.00 -14.08
N LEU C 242 8.37 26.03 -12.93
CA LEU C 242 9.08 26.17 -11.66
C LEU C 242 9.58 24.80 -11.22
N SER D 16 -25.35 -25.09 -24.92
CA SER D 16 -24.61 -23.86 -24.63
C SER D 16 -23.13 -24.05 -24.91
N LEU D 17 -22.41 -22.96 -25.11
CA LEU D 17 -20.98 -23.02 -25.43
C LEU D 17 -20.14 -23.64 -24.32
N ILE D 18 -20.56 -23.44 -23.07
CA ILE D 18 -19.83 -24.01 -21.95
C ILE D 18 -20.50 -25.31 -21.53
N LYS D 19 -19.83 -26.43 -21.81
CA LYS D 19 -20.37 -27.75 -21.52
C LYS D 19 -20.04 -28.24 -20.12
N GLU D 20 -20.70 -29.33 -19.70
CA GLU D 20 -20.51 -29.88 -18.36
C GLU D 20 -19.05 -30.27 -18.11
N ASN D 21 -18.34 -30.59 -19.18
CA ASN D 21 -16.91 -30.89 -19.10
C ASN D 21 -16.22 -30.09 -20.18
N MET D 22 -15.15 -29.40 -19.82
CA MET D 22 -14.43 -28.57 -20.77
C MET D 22 -12.93 -28.73 -20.62
N ARG D 23 -12.22 -28.61 -21.73
CA ARG D 23 -10.77 -28.68 -21.73
C ARG D 23 -10.27 -27.24 -21.80
N MET D 24 -9.02 -27.02 -21.39
CA MET D 24 -8.42 -25.70 -21.48
C MET D 24 -6.93 -25.83 -21.76
N MET D 25 -6.39 -24.86 -22.50
CA MET D 25 -4.97 -24.83 -22.85
C MET D 25 -4.45 -23.46 -22.43
N VAL D 26 -3.21 -23.42 -21.98
CA VAL D 26 -2.63 -22.16 -21.54
C VAL D 26 -1.20 -21.96 -21.98
N VAL D 27 -0.84 -20.70 -22.21
CA VAL D 27 0.53 -20.31 -22.50
C VAL D 27 0.79 -19.13 -21.57
N MET D 28 1.86 -19.22 -20.79
CA MET D 28 2.24 -18.14 -19.89
C MET D 28 3.64 -17.68 -20.22
N GLU D 29 3.82 -16.38 -20.37
CA GLU D 29 5.13 -15.85 -20.68
C GLU D 29 5.37 -14.56 -19.90
N GLY D 30 6.60 -14.35 -19.48
CA GLY D 30 6.93 -13.16 -18.73
C GLY D 30 8.27 -13.28 -18.04
N SER D 31 8.43 -12.53 -16.97
CA SER D 31 9.67 -12.55 -16.21
C SER D 31 9.40 -12.28 -14.75
N VAL D 32 10.35 -12.68 -13.91
CA VAL D 32 10.30 -12.43 -12.48
C VAL D 32 11.69 -11.95 -12.11
N ASN D 33 11.78 -10.71 -11.63
CA ASN D 33 13.07 -10.14 -11.26
C ASN D 33 14.02 -10.11 -12.47
N GLY D 34 13.47 -9.93 -13.66
CA GLY D 34 14.25 -9.85 -14.88
C GLY D 34 14.53 -11.17 -15.56
N TYR D 35 14.17 -12.27 -14.91
CA TYR D 35 14.38 -13.62 -15.45
C TYR D 35 13.22 -14.05 -16.34
N GLN D 36 13.50 -14.20 -17.63
CA GLN D 36 12.48 -14.61 -18.60
C GLN D 36 12.15 -16.10 -18.53
N PHE D 37 10.88 -16.43 -18.76
CA PHE D 37 10.44 -17.82 -18.74
C PHE D 37 9.13 -17.98 -19.51
N LYS D 38 8.78 -19.22 -19.79
CA LYS D 38 7.54 -19.55 -20.50
C LYS D 38 7.01 -20.89 -20.01
N CYS D 39 5.68 -20.97 -19.87
CA CYS D 39 5.03 -22.19 -19.42
C CYS D 39 3.87 -22.50 -20.35
N THR D 40 3.54 -23.78 -20.49
CA THR D 40 2.38 -24.18 -21.25
C THR D 40 1.62 -25.17 -20.37
N GLY D 41 0.32 -25.27 -20.58
CA GLY D 41 -0.47 -26.19 -19.79
C GLY D 41 -1.73 -26.62 -20.50
N GLU D 42 -2.27 -27.74 -20.07
CA GLU D 42 -3.51 -28.27 -20.60
C GLU D 42 -4.20 -28.95 -19.44
N GLY D 43 -5.52 -28.83 -19.39
CA GLY D 43 -6.26 -29.43 -18.31
C GLY D 43 -7.71 -29.60 -18.70
N ASP D 44 -8.54 -29.89 -17.71
CA ASP D 44 -9.96 -30.07 -17.94
C ASP D 44 -10.66 -29.90 -16.62
N GLY D 45 -11.98 -29.77 -16.66
CA GLY D 45 -12.75 -29.60 -15.45
C GLY D 45 -14.23 -29.57 -15.72
N ASN D 46 -15.00 -29.35 -14.67
CA ASN D 46 -16.45 -29.29 -14.75
C ASN D 46 -16.84 -27.88 -14.35
N PRO D 47 -17.04 -27.00 -15.34
CA PRO D 47 -17.34 -25.59 -15.13
C PRO D 47 -18.50 -25.27 -14.19
N TYR D 48 -19.54 -26.10 -14.20
CA TYR D 48 -20.70 -25.87 -13.34
C TYR D 48 -20.52 -26.43 -11.94
N MET D 49 -19.51 -27.26 -11.77
CA MET D 49 -19.20 -27.87 -10.48
C MET D 49 -18.14 -27.05 -9.75
N GLY D 50 -17.46 -26.17 -10.48
CA GLY D 50 -16.42 -25.31 -9.94
C GLY D 50 -15.11 -26.03 -9.71
N THR D 51 -14.89 -27.12 -10.42
CA THR D 51 -13.66 -27.90 -10.26
C THR D 51 -12.87 -27.99 -11.57
N GLN D 52 -11.55 -28.04 -11.45
CA GLN D 52 -10.68 -28.11 -12.61
C GLN D 52 -9.27 -28.57 -12.25
N THR D 53 -8.61 -29.20 -13.22
CA THR D 53 -7.25 -29.68 -13.04
C THR D 53 -6.39 -29.22 -14.21
N MET D 54 -5.14 -28.88 -13.93
CA MET D 54 -4.23 -28.41 -14.95
C MET D 54 -2.83 -28.99 -14.81
N ARG D 55 -2.30 -29.51 -15.90
CA ARG D 55 -0.94 -30.04 -15.94
C ARG D 55 -0.08 -29.00 -16.64
N ILE D 56 0.91 -28.49 -15.93
CA ILE D 56 1.77 -27.42 -16.44
C ILE D 56 3.23 -27.80 -16.61
N LYS D 57 3.83 -27.29 -17.68
CA LYS D 57 5.24 -27.53 -17.95
C LYS D 57 5.97 -26.20 -18.11
N VAL D 58 7.18 -26.13 -17.58
CA VAL D 58 8.02 -24.95 -17.76
C VAL D 58 8.84 -25.27 -19.01
N VAL D 59 8.52 -24.58 -20.11
CA VAL D 59 9.17 -24.86 -21.39
C VAL D 59 10.39 -24.01 -21.73
N GLU D 60 10.53 -22.87 -21.06
CA GLU D 60 11.67 -21.98 -21.26
C GLU D 60 12.07 -21.39 -19.92
N GLY D 61 13.35 -21.46 -19.59
CA GLY D 61 13.86 -20.90 -18.35
C GLY D 61 13.85 -21.87 -17.17
N GLY D 62 13.36 -23.08 -17.39
CA GLY D 62 13.32 -24.09 -16.34
C GLY D 62 14.67 -24.75 -16.17
N PRO D 63 15.04 -25.12 -14.93
CA PRO D 63 14.26 -24.92 -13.70
C PRO D 63 14.26 -23.45 -13.26
N LEU D 64 13.09 -22.96 -12.87
CA LEU D 64 12.95 -21.56 -12.46
C LEU D 64 13.64 -21.27 -11.13
N PRO D 65 14.27 -20.09 -11.03
CA PRO D 65 14.99 -19.61 -9.85
C PRO D 65 14.06 -19.01 -8.80
N PHE D 66 12.76 -19.21 -8.98
CA PHE D 66 11.76 -18.72 -8.03
C PHE D 66 10.68 -19.77 -7.80
N ALA D 67 9.96 -19.63 -6.68
CA ALA D 67 8.89 -20.57 -6.34
C ALA D 67 7.76 -20.55 -7.36
N PHE D 68 7.40 -21.72 -7.88
CA PHE D 68 6.32 -21.82 -8.85
C PHE D 68 5.00 -21.31 -8.23
N ASP D 69 4.91 -21.37 -6.91
CA ASP D 69 3.71 -20.93 -6.19
C ASP D 69 3.23 -19.53 -6.59
N ILE D 70 4.16 -18.63 -6.90
CA ILE D 70 3.76 -17.27 -7.29
C ILE D 70 3.03 -17.19 -8.63
N LEU D 71 3.07 -18.28 -9.39
CA LEU D 71 2.41 -18.34 -10.69
C LEU D 71 1.04 -19.02 -10.60
N ALA D 72 0.83 -19.73 -9.51
CA ALA D 72 -0.38 -20.53 -9.30
C ALA D 72 -1.72 -19.90 -9.67
N THR D 73 -1.98 -18.71 -9.14
CA THR D 73 -3.26 -18.02 -9.39
C THR D 73 -3.39 -17.43 -10.78
N SER D 74 -2.33 -17.54 -11.59
CA SER D 74 -2.37 -16.98 -12.94
C SER D 74 -2.75 -18.02 -13.97
N PHE D 75 -2.66 -19.29 -13.59
CA PHE D 75 -3.07 -20.35 -14.48
C PHE D 75 -4.55 -20.56 -14.22
N1 NRQ D 76 -4.85 -20.27 -12.91
CE NRQ D 76 -5.90 -25.42 -12.58
SD NRQ D 76 -5.89 -24.26 -11.18
CG1 NRQ D 76 -6.72 -22.79 -11.85
CB1 NRQ D 76 -6.07 -21.54 -11.25
CA1 NRQ D 76 -6.14 -20.40 -12.27
C1 NRQ D 76 -6.58 -19.13 -11.56
N2 NRQ D 76 -6.85 -19.06 -10.27
OH NRQ D 76 -7.13 -18.94 -3.52
CD2 NRQ D 76 -7.83 -16.85 -6.38
CE2 NRQ D 76 -7.71 -17.27 -5.09
CZ NRQ D 76 -7.24 -18.55 -4.81
CE1 NRQ D 76 -6.90 -19.42 -5.85
CD1 NRQ D 76 -7.00 -19.00 -7.17
CG2 NRQ D 76 -7.51 -17.71 -7.44
CB2 NRQ D 76 -7.62 -17.17 -8.79
CA2 NRQ D 76 -7.30 -17.79 -9.99
C2 NRQ D 76 -7.38 -17.10 -11.28
O2 NRQ D 76 -7.72 -15.95 -11.46
N3 NRQ D 76 -6.95 -17.97 -12.21
CA3 NRQ D 76 -6.73 -17.60 -13.62
C3 NRQ D 76 -7.69 -18.25 -14.59
O3 NRQ D 76 -7.74 -17.84 -15.72
N SER D 77 -8.46 -19.25 -14.18
CA SER D 77 -9.38 -20.02 -15.03
C SER D 77 -10.80 -19.79 -14.52
N LYS D 78 -11.31 -18.57 -14.75
CA LYS D 78 -12.60 -18.13 -14.21
C LYS D 78 -13.87 -18.81 -14.70
N THR D 79 -13.79 -19.52 -15.82
CA THR D 79 -14.96 -20.20 -16.34
C THR D 79 -15.39 -21.37 -15.46
N PHE D 80 -14.48 -21.86 -14.62
CA PHE D 80 -14.78 -22.99 -13.75
C PHE D 80 -15.17 -22.58 -12.33
N ILE D 81 -16.18 -21.73 -12.22
CA ILE D 81 -16.69 -21.32 -10.91
C ILE D 81 -18.14 -21.78 -10.79
N LYS D 82 -18.46 -22.51 -9.72
CA LYS D 82 -19.83 -22.93 -9.49
C LYS D 82 -20.59 -21.73 -8.94
N HIS D 83 -21.66 -21.34 -9.64
CA HIS D 83 -22.44 -20.19 -9.21
C HIS D 83 -23.70 -20.59 -8.46
N THR D 84 -23.76 -20.25 -7.18
CA THR D 84 -24.90 -20.58 -6.34
C THR D 84 -25.84 -19.38 -6.17
N LYS D 85 -27.01 -19.66 -5.60
CA LYS D 85 -27.99 -18.63 -5.26
C LYS D 85 -28.36 -17.68 -6.39
N GLY D 86 -28.24 -18.12 -7.64
CA GLY D 86 -28.61 -17.31 -8.78
C GLY D 86 -27.66 -16.17 -9.10
N ILE D 87 -26.46 -16.19 -8.52
CA ILE D 87 -25.48 -15.15 -8.80
C ILE D 87 -25.13 -15.23 -10.29
N PRO D 88 -25.36 -14.14 -11.04
CA PRO D 88 -25.03 -14.20 -12.48
C PRO D 88 -23.56 -14.52 -12.70
N ASP D 89 -23.30 -15.28 -13.76
CA ASP D 89 -21.96 -15.75 -14.11
C ASP D 89 -21.33 -14.83 -15.17
N PHE D 90 -20.49 -13.91 -14.72
CA PHE D 90 -19.81 -12.96 -15.61
C PHE D 90 -19.02 -13.66 -16.71
N PHE D 91 -18.42 -14.78 -16.36
CA PHE D 91 -17.54 -15.50 -17.26
C PHE D 91 -18.20 -16.38 -18.30
N LYS D 92 -19.10 -17.26 -17.87
CA LYS D 92 -19.80 -18.13 -18.81
C LYS D 92 -20.68 -17.32 -19.77
N GLN D 93 -21.20 -16.19 -19.30
CA GLN D 93 -22.04 -15.31 -20.12
C GLN D 93 -21.25 -14.58 -21.22
N SER D 94 -19.93 -14.52 -21.06
CA SER D 94 -19.07 -13.79 -21.98
C SER D 94 -18.76 -14.47 -23.31
N PHE D 95 -19.08 -15.75 -23.40
CA PHE D 95 -18.79 -16.49 -24.63
C PHE D 95 -19.87 -16.31 -25.69
N PRO D 96 -19.49 -16.42 -26.97
CA PRO D 96 -18.18 -16.86 -27.48
C PRO D 96 -17.04 -15.85 -27.47
N GLU D 97 -17.34 -14.57 -27.27
CA GLU D 97 -16.31 -13.54 -27.31
C GLU D 97 -15.18 -13.70 -26.29
N GLY D 98 -15.51 -14.17 -25.10
CA GLY D 98 -14.52 -14.36 -24.06
C GLY D 98 -14.36 -13.15 -23.15
N PHE D 99 -13.25 -13.10 -22.43
CA PHE D 99 -13.01 -12.02 -21.48
C PHE D 99 -11.53 -11.92 -21.16
N THR D 100 -11.18 -10.88 -20.41
CA THR D 100 -9.81 -10.70 -19.97
C THR D 100 -9.84 -10.44 -18.47
N TRP D 101 -8.69 -10.61 -17.84
CA TRP D 101 -8.52 -10.26 -16.44
C TRP D 101 -7.13 -9.66 -16.26
N GLU D 102 -7.06 -8.63 -15.42
CA GLU D 102 -5.81 -7.92 -15.17
C GLU D 102 -5.69 -7.84 -13.66
N ARG D 103 -4.50 -8.07 -13.15
CA ARG D 103 -4.34 -8.15 -11.70
C ARG D 103 -2.97 -7.71 -11.23
N VAL D 104 -2.92 -7.24 -9.99
CA VAL D 104 -1.66 -6.89 -9.35
C VAL D 104 -1.68 -7.52 -7.96
N THR D 105 -0.68 -8.35 -7.68
CA THR D 105 -0.56 -9.00 -6.39
C THR D 105 0.63 -8.38 -5.68
N ARG D 106 0.40 -7.92 -4.45
CA ARG D 106 1.46 -7.34 -3.65
C ARG D 106 1.76 -8.23 -2.45
N TYR D 107 3.01 -8.69 -2.37
CA TYR D 107 3.44 -9.53 -1.26
C TYR D 107 3.91 -8.62 -0.13
N GLU D 108 3.75 -9.07 1.11
CA GLU D 108 4.14 -8.27 2.27
C GLU D 108 5.62 -7.89 2.32
N ASP D 109 6.44 -8.62 1.58
CA ASP D 109 7.89 -8.37 1.58
C ASP D 109 8.45 -7.63 0.36
N GLY D 110 7.58 -6.99 -0.41
CA GLY D 110 8.01 -6.20 -1.54
C GLY D 110 7.74 -6.74 -2.92
N GLY D 111 7.70 -8.07 -3.07
CA GLY D 111 7.45 -8.66 -4.37
C GLY D 111 6.09 -8.26 -4.91
N VAL D 112 6.04 -7.95 -6.20
CA VAL D 112 4.78 -7.59 -6.86
C VAL D 112 4.66 -8.42 -8.14
N PHE D 113 3.49 -9.01 -8.35
CA PHE D 113 3.25 -9.85 -9.52
C PHE D 113 2.04 -9.34 -10.28
N THR D 114 2.29 -8.80 -11.48
CA THR D 114 1.23 -8.22 -12.31
C THR D 114 0.94 -9.09 -13.53
N VAL D 115 -0.33 -9.24 -13.85
CA VAL D 115 -0.75 -10.09 -14.95
C VAL D 115 -1.83 -9.48 -15.83
N MET D 116 -1.74 -9.78 -17.12
CA MET D 116 -2.77 -9.40 -18.09
C MET D 116 -3.09 -10.74 -18.76
N GLN D 117 -4.32 -11.20 -18.60
CA GLN D 117 -4.72 -12.50 -19.15
C GLN D 117 -5.86 -12.38 -20.15
N ASP D 118 -5.78 -13.19 -21.20
CA ASP D 118 -6.82 -13.23 -22.21
C ASP D 118 -7.44 -14.62 -22.27
N THR D 119 -8.76 -14.69 -22.22
CA THR D 119 -9.47 -15.96 -22.28
C THR D 119 -10.33 -16.01 -23.53
N SER D 120 -10.13 -17.04 -24.33
CA SER D 120 -10.91 -17.22 -25.56
C SER D 120 -11.42 -18.65 -25.65
N LEU D 121 -12.32 -18.89 -26.59
CA LEU D 121 -12.89 -20.22 -26.80
C LEU D 121 -12.68 -20.60 -28.26
N GLU D 122 -11.90 -21.64 -28.48
CA GLU D 122 -11.57 -22.09 -29.83
C GLU D 122 -11.87 -23.56 -30.04
N ASP D 123 -12.71 -23.86 -31.02
CA ASP D 123 -13.05 -25.25 -31.33
C ASP D 123 -13.49 -26.03 -30.09
N GLY D 124 -14.17 -25.35 -29.18
CA GLY D 124 -14.66 -25.99 -27.97
C GLY D 124 -13.65 -26.12 -26.84
N CYS D 125 -12.46 -25.55 -27.03
CA CYS D 125 -11.42 -25.59 -26.01
C CYS D 125 -11.18 -24.19 -25.48
N LEU D 126 -11.06 -24.06 -24.16
CA LEU D 126 -10.78 -22.76 -23.56
C LEU D 126 -9.29 -22.47 -23.75
N VAL D 127 -8.98 -21.28 -24.23
CA VAL D 127 -7.59 -20.91 -24.52
C VAL D 127 -7.15 -19.71 -23.70
N TYR D 128 -6.08 -19.89 -22.92
CA TYR D 128 -5.57 -18.83 -22.06
C TYR D 128 -4.21 -18.32 -22.50
N HIS D 129 -4.03 -17.01 -22.41
CA HIS D 129 -2.75 -16.38 -22.69
C HIS D 129 -2.49 -15.41 -21.55
N ALA D 130 -1.52 -15.73 -20.71
CA ALA D 130 -1.19 -14.87 -19.58
C ALA D 130 0.19 -14.25 -19.74
N LYS D 131 0.25 -12.92 -19.66
CA LYS D 131 1.51 -12.19 -19.75
C LYS D 131 1.81 -11.70 -18.34
N VAL D 132 2.87 -12.22 -17.74
CA VAL D 132 3.19 -11.90 -16.35
C VAL D 132 4.48 -11.14 -16.13
N THR D 133 4.50 -10.35 -15.06
CA THR D 133 5.69 -9.58 -14.68
C THR D 133 5.83 -9.53 -13.17
N GLY D 134 6.87 -10.17 -12.65
CA GLY D 134 7.16 -10.18 -11.23
C GLY D 134 8.35 -9.27 -11.00
N VAL D 135 8.23 -8.37 -10.03
CA VAL D 135 9.30 -7.43 -9.75
C VAL D 135 9.57 -7.26 -8.26
N ASN D 136 10.81 -6.89 -7.95
CA ASN D 136 11.22 -6.57 -6.58
C ASN D 136 11.08 -7.68 -5.54
N PHE D 137 11.10 -8.94 -5.96
CA PHE D 137 11.04 -10.03 -4.98
C PHE D 137 12.38 -10.07 -4.25
N PRO D 138 12.34 -10.02 -2.90
CA PRO D 138 13.58 -10.00 -2.11
C PRO D 138 14.47 -11.22 -2.35
N SER D 139 15.75 -10.98 -2.54
CA SER D 139 16.72 -12.05 -2.79
C SER D 139 16.68 -13.15 -1.74
N ASN D 140 16.54 -12.76 -0.47
CA ASN D 140 16.52 -13.73 0.62
C ASN D 140 15.11 -14.15 1.05
N GLY D 141 14.10 -13.74 0.28
CA GLY D 141 12.73 -14.07 0.61
C GLY D 141 12.38 -15.51 0.26
N ALA D 142 11.29 -16.02 0.82
CA ALA D 142 10.85 -17.39 0.58
C ALA D 142 10.63 -17.69 -0.91
N VAL D 143 10.17 -16.69 -1.66
CA VAL D 143 9.91 -16.89 -3.08
C VAL D 143 11.19 -17.16 -3.87
N MET D 144 12.16 -16.26 -3.76
CA MET D 144 13.41 -16.41 -4.49
C MET D 144 14.28 -17.55 -3.95
N GLN D 145 14.03 -17.95 -2.70
CA GLN D 145 14.80 -19.03 -2.09
C GLN D 145 14.08 -20.38 -2.23
N LYS D 146 12.92 -20.35 -2.88
CA LYS D 146 12.12 -21.55 -3.10
C LYS D 146 11.83 -22.28 -1.80
N LYS D 147 11.29 -21.55 -0.83
CA LYS D 147 10.96 -22.11 0.47
C LYS D 147 9.46 -22.00 0.73
N THR D 148 8.66 -22.11 -0.33
CA THR D 148 7.21 -22.02 -0.23
C THR D 148 6.59 -23.41 -0.29
N LYS D 149 5.45 -23.58 0.36
CA LYS D 149 4.79 -24.87 0.41
C LYS D 149 3.29 -24.87 0.13
N GLY D 150 2.88 -24.18 -0.92
CA GLY D 150 1.47 -24.16 -1.30
C GLY D 150 0.63 -23.11 -0.61
N TRP D 151 -0.50 -22.78 -1.23
CA TRP D 151 -1.42 -21.76 -0.73
C TRP D 151 -2.51 -22.31 0.16
N GLU D 152 -3.01 -21.46 1.05
CA GLU D 152 -4.17 -21.82 1.85
C GLU D 152 -5.38 -21.40 1.00
N PRO D 153 -6.58 -21.86 1.35
CA PRO D 153 -7.73 -21.40 0.58
C PRO D 153 -7.96 -19.93 0.88
N SER D 154 -8.82 -19.29 0.10
CA SER D 154 -9.09 -17.86 0.30
C SER D 154 -10.51 -17.50 -0.12
N THR D 155 -10.91 -16.28 0.21
CA THR D 155 -12.23 -15.78 -0.16
C THR D 155 -12.07 -14.46 -0.91
N GLU D 156 -12.57 -14.42 -2.14
CA GLU D 156 -12.49 -13.22 -2.96
C GLU D 156 -13.78 -12.42 -2.81
N MET D 157 -13.65 -11.09 -2.74
CA MET D 157 -14.79 -10.20 -2.62
C MET D 157 -14.96 -9.50 -3.96
N LEU D 158 -16.16 -9.54 -4.53
CA LEU D 158 -16.39 -8.98 -5.85
C LEU D 158 -17.59 -8.03 -5.95
N TYR D 159 -17.48 -7.09 -6.88
CA TYR D 159 -18.54 -6.14 -7.17
C TYR D 159 -18.28 -5.40 -8.47
N PRO D 160 -19.35 -4.94 -9.14
CA PRO D 160 -19.16 -4.25 -10.42
C PRO D 160 -18.38 -2.94 -10.27
N ALA D 161 -17.50 -2.69 -11.22
CA ALA D 161 -16.72 -1.45 -11.23
C ALA D 161 -15.88 -1.35 -12.50
N ASP D 162 -15.62 -0.12 -12.91
CA ASP D 162 -14.78 0.16 -14.07
C ASP D 162 -15.21 -0.52 -15.37
N GLY D 163 -16.51 -0.63 -15.58
CA GLY D 163 -17.05 -1.23 -16.79
C GLY D 163 -16.88 -2.74 -16.83
N GLY D 164 -16.57 -3.32 -15.67
CA GLY D 164 -16.39 -4.76 -15.56
C GLY D 164 -16.72 -5.24 -14.16
N LEU D 165 -15.98 -6.23 -13.71
CA LEU D 165 -16.18 -6.80 -12.38
C LEU D 165 -14.87 -6.70 -11.61
N ARG D 166 -14.93 -6.12 -10.42
CA ARG D 166 -13.74 -5.99 -9.58
C ARG D 166 -13.71 -7.06 -8.51
N GLY D 167 -12.52 -7.63 -8.30
CA GLY D 167 -12.33 -8.64 -7.28
C GLY D 167 -11.15 -8.29 -6.38
N TYR D 168 -11.29 -8.60 -5.10
CA TYR D 168 -10.22 -8.34 -4.14
C TYR D 168 -9.97 -9.65 -3.41
N CYS D 169 -8.72 -10.01 -3.23
CA CYS D 169 -8.39 -11.25 -2.53
C CYS D 169 -7.18 -11.07 -1.61
N GLN D 170 -7.15 -11.88 -0.56
CA GLN D 170 -6.04 -11.88 0.39
C GLN D 170 -5.67 -13.34 0.53
N MET D 171 -4.39 -13.65 0.41
CA MET D 171 -3.96 -15.04 0.45
C MET D 171 -2.75 -15.27 1.35
N ALA D 172 -2.61 -16.49 1.84
CA ALA D 172 -1.50 -16.86 2.71
C ALA D 172 -0.74 -18.03 2.08
N LEU D 173 0.57 -17.85 1.95
CA LEU D 173 1.44 -18.87 1.36
C LEU D 173 2.23 -19.56 2.46
N ASN D 174 2.11 -20.89 2.54
CA ASN D 174 2.86 -21.65 3.55
C ASN D 174 4.34 -21.54 3.19
N VAL D 175 5.18 -21.41 4.21
CA VAL D 175 6.62 -21.33 3.97
C VAL D 175 7.37 -22.29 4.90
N ASP D 176 8.58 -22.65 4.50
CA ASP D 176 9.41 -23.56 5.29
C ASP D 176 9.51 -23.04 6.71
N GLY D 177 9.31 -23.92 7.68
CA GLY D 177 9.36 -23.52 9.08
C GLY D 177 8.01 -23.49 9.75
N GLY D 178 6.95 -23.46 8.94
CA GLY D 178 5.59 -23.47 9.45
C GLY D 178 4.91 -22.11 9.50
N GLY D 179 5.58 -21.09 8.97
CA GLY D 179 5.02 -19.75 8.95
C GLY D 179 4.24 -19.46 7.67
N TYR D 180 3.87 -18.20 7.48
CA TYR D 180 3.11 -17.79 6.30
C TYR D 180 3.65 -16.51 5.69
N LEU D 181 3.46 -16.38 4.38
CA LEU D 181 3.83 -15.18 3.65
C LEU D 181 2.53 -14.62 3.08
N PHE D 182 2.21 -13.37 3.43
CA PHE D 182 0.95 -12.77 3.01
C PHE D 182 1.06 -12.02 1.69
N CYS D 183 -0.05 -12.01 0.96
CA CYS D 183 -0.17 -11.21 -0.25
C CYS D 183 -1.64 -10.86 -0.47
N SER D 184 -1.88 -9.79 -1.21
CA SER D 184 -3.25 -9.40 -1.52
C SER D 184 -3.26 -8.96 -2.98
N PHE D 185 -4.42 -9.02 -3.59
CA PHE D 185 -4.51 -8.57 -4.98
C PHE D 185 -5.84 -7.95 -5.35
N GLU D 186 -5.82 -7.13 -6.38
CA GLU D 186 -7.02 -6.51 -6.91
C GLU D 186 -7.07 -6.88 -8.38
N THR D 187 -8.23 -7.33 -8.83
CA THR D 187 -8.42 -7.78 -10.19
C THR D 187 -9.57 -7.03 -10.84
N THR D 188 -9.46 -6.82 -12.14
CA THR D 188 -10.57 -6.27 -12.91
C THR D 188 -10.81 -7.26 -14.04
N TYR D 189 -12.00 -7.84 -14.05
CA TYR D 189 -12.42 -8.78 -15.08
C TYR D 189 -13.21 -7.99 -16.11
N ARG D 190 -12.87 -8.14 -17.38
CA ARG D 190 -13.57 -7.40 -18.42
C ARG D 190 -14.13 -8.34 -19.48
N SER D 191 -15.39 -8.17 -19.81
CA SER D 191 -16.03 -9.00 -20.81
C SER D 191 -15.76 -8.45 -22.20
N LYS D 192 -15.54 -9.35 -23.17
CA LYS D 192 -15.31 -8.94 -24.54
C LYS D 192 -16.64 -8.90 -25.28
N LYS D 193 -17.69 -9.31 -24.60
CA LYS D 193 -19.01 -9.36 -25.21
C LYS D 193 -19.85 -8.11 -24.96
N THR D 194 -20.60 -7.71 -25.98
CA THR D 194 -21.51 -6.57 -25.88
C THR D 194 -22.90 -7.14 -26.11
N ASP D 195 -23.63 -7.37 -25.02
CA ASP D 195 -24.95 -7.97 -25.10
C ASP D 195 -25.96 -7.26 -24.21
N GLU D 196 -27.09 -6.87 -24.80
CA GLU D 196 -28.16 -6.21 -24.05
C GLU D 196 -28.65 -7.13 -22.95
N ASN D 197 -28.59 -8.43 -23.20
CA ASN D 197 -29.08 -9.44 -22.25
C ASN D 197 -28.10 -9.80 -21.14
N PHE D 198 -26.85 -9.36 -21.28
CA PHE D 198 -25.83 -9.68 -20.27
C PHE D 198 -26.29 -9.30 -18.87
N LYS D 199 -26.21 -10.24 -17.94
CA LYS D 199 -26.62 -10.00 -16.56
C LYS D 199 -25.41 -9.81 -15.65
N MET D 200 -25.26 -8.61 -15.12
CA MET D 200 -24.14 -8.30 -14.23
C MET D 200 -24.45 -8.73 -12.79
N PRO D 201 -23.51 -9.43 -12.14
CA PRO D 201 -23.79 -9.79 -10.76
C PRO D 201 -23.57 -8.58 -9.87
N GLY D 202 -24.10 -8.63 -8.65
CA GLY D 202 -23.90 -7.58 -7.67
C GLY D 202 -22.78 -7.99 -6.74
N PHE D 203 -22.75 -7.41 -5.55
CA PHE D 203 -21.75 -7.75 -4.55
C PHE D 203 -21.86 -9.23 -4.17
N HIS D 204 -20.73 -9.93 -4.18
CA HIS D 204 -20.72 -11.34 -3.80
C HIS D 204 -19.30 -11.83 -3.51
N PHE D 205 -19.20 -13.09 -3.10
CA PHE D 205 -17.90 -13.69 -2.80
C PHE D 205 -17.65 -14.92 -3.64
N VAL D 206 -16.38 -15.29 -3.75
CA VAL D 206 -16.00 -16.54 -4.39
C VAL D 206 -14.98 -17.18 -3.48
N ASP D 207 -15.32 -18.37 -2.97
CA ASP D 207 -14.41 -19.13 -2.13
C ASP D 207 -13.52 -19.91 -3.09
N HIS D 208 -12.22 -19.95 -2.82
CA HIS D 208 -11.26 -20.66 -3.67
C HIS D 208 -10.43 -21.62 -2.83
N ARG D 209 -10.05 -22.75 -3.42
CA ARG D 209 -9.10 -23.66 -2.79
C ARG D 209 -8.25 -24.27 -3.88
N LEU D 210 -7.05 -23.73 -4.05
CA LEU D 210 -6.11 -24.19 -5.07
C LEU D 210 -5.06 -25.08 -4.42
N GLU D 211 -4.96 -26.31 -4.88
CA GLU D 211 -4.01 -27.26 -4.31
C GLU D 211 -3.12 -27.88 -5.37
N ARG D 212 -1.86 -28.11 -5.02
CA ARG D 212 -0.92 -28.74 -5.92
C ARG D 212 -1.02 -30.24 -5.68
N LEU D 213 -1.31 -30.99 -6.74
CA LEU D 213 -1.47 -32.43 -6.62
C LEU D 213 -0.19 -33.19 -6.89
N GLU D 214 0.64 -32.64 -7.77
CA GLU D 214 1.90 -33.29 -8.13
C GLU D 214 2.91 -32.29 -8.64
N GLU D 215 4.17 -32.71 -8.65
CA GLU D 215 5.26 -31.89 -9.15
C GLU D 215 6.47 -32.78 -9.39
N SER D 216 7.25 -32.45 -10.41
CA SER D 216 8.44 -33.23 -10.73
C SER D 216 9.47 -32.37 -11.47
N ASP D 217 10.73 -32.80 -11.40
CA ASP D 217 11.82 -32.09 -12.09
C ASP D 217 12.02 -30.66 -11.61
N LYS D 218 12.23 -30.47 -10.32
CA LYS D 218 12.45 -29.14 -9.77
C LYS D 218 11.35 -28.18 -10.22
N GLU D 219 10.10 -28.61 -10.07
CA GLU D 219 8.94 -27.80 -10.45
C GLU D 219 8.82 -27.48 -11.94
N MET D 220 9.41 -28.32 -12.79
CA MET D 220 9.29 -28.10 -14.22
C MET D 220 8.02 -28.76 -14.75
N PHE D 221 7.41 -29.59 -13.92
CA PHE D 221 6.12 -30.18 -14.21
C PHE D 221 5.28 -30.04 -12.94
N VAL D 222 4.10 -29.45 -13.08
CA VAL D 222 3.24 -29.22 -11.94
C VAL D 222 1.79 -29.51 -12.27
N VAL D 223 1.10 -30.14 -11.33
CA VAL D 223 -0.33 -30.43 -11.50
C VAL D 223 -1.09 -29.68 -10.41
N GLN D 224 -1.97 -28.76 -10.83
CA GLN D 224 -2.76 -27.97 -9.89
C GLN D 224 -4.24 -28.27 -10.03
N HIS D 225 -4.97 -28.15 -8.92
CA HIS D 225 -6.41 -28.32 -8.92
C HIS D 225 -7.02 -27.13 -8.20
N GLU D 226 -8.18 -26.68 -8.66
CA GLU D 226 -8.88 -25.59 -7.99
C GLU D 226 -10.36 -25.88 -7.85
N HIS D 227 -10.92 -25.48 -6.71
CA HIS D 227 -12.34 -25.58 -6.45
C HIS D 227 -12.77 -24.14 -6.17
N ALA D 228 -13.80 -23.67 -6.86
CA ALA D 228 -14.25 -22.29 -6.67
C ALA D 228 -15.77 -22.22 -6.68
N VAL D 229 -16.34 -21.47 -5.74
CA VAL D 229 -17.78 -21.35 -5.63
C VAL D 229 -18.19 -19.91 -5.35
N ALA D 230 -19.06 -19.35 -6.19
CA ALA D 230 -19.57 -18.00 -6.00
C ALA D 230 -20.75 -18.11 -5.05
N LYS D 231 -20.78 -17.26 -4.02
CA LYS D 231 -21.83 -17.34 -3.03
C LYS D 231 -21.98 -16.06 -2.23
N PHE D 232 -22.93 -16.08 -1.30
CA PHE D 232 -23.15 -14.95 -0.42
C PHE D 232 -22.70 -15.38 0.97
N CYS D 233 -22.57 -14.42 1.87
CA CYS D 233 -22.20 -14.72 3.25
C CYS D 233 -23.31 -15.59 3.84
N ASP D 234 -22.93 -16.69 4.48
CA ASP D 234 -23.93 -17.60 5.04
C ASP D 234 -24.52 -17.17 6.38
N LEU D 235 -23.92 -16.14 7.00
CA LEU D 235 -24.41 -15.66 8.29
C LEU D 235 -25.80 -15.05 8.17
N PRO D 236 -26.63 -15.25 9.20
CA PRO D 236 -27.96 -14.64 9.19
C PRO D 236 -27.80 -13.13 9.21
N SER D 237 -28.83 -12.42 8.76
CA SER D 237 -28.82 -10.97 8.75
C SER D 237 -30.02 -10.45 9.54
N LYS D 238 -29.81 -9.38 10.30
CA LYS D 238 -30.90 -8.80 11.08
C LYS D 238 -31.70 -7.79 10.26
N LEU D 239 -31.23 -7.50 9.06
CA LEU D 239 -31.89 -6.53 8.19
C LEU D 239 -32.42 -7.15 6.90
N GLY D 240 -32.40 -8.47 6.81
CA GLY D 240 -32.86 -9.17 5.63
C GLY D 240 -31.95 -9.00 4.43
N ARG D 241 -30.67 -8.77 4.68
CA ARG D 241 -29.69 -8.58 3.61
C ARG D 241 -29.01 -9.89 3.21
N LEU D 242 -28.54 -9.95 1.97
CA LEU D 242 -27.82 -11.12 1.48
C LEU D 242 -26.44 -11.14 2.13
#